data_9F2G
#
_entry.id   9F2G
#
_cell.length_a   92.704
_cell.length_b   45.140
_cell.length_c   109.061
_cell.angle_alpha   90.00
_cell.angle_beta   93.96
_cell.angle_gamma   90.00
#
_symmetry.space_group_name_H-M   'P 1 21 1'
#
loop_
_entity.id
_entity.type
_entity.pdbx_description
1 polymer Nucleoprotein
2 non-polymer GLYCEROL
3 non-polymer 'SULFATE ION'
4 water water
#
_entity_poly.entity_id   1
_entity_poly.type   'polypeptide(L)'
_entity_poly.pdbx_seq_one_letter_code
;GSKKPRQKRTATKAYNVTQAFGRRGPEQTQGNFGDQELIRQGTDYKHWPQIAQFAPSASAFFGMSRIGMEVTPSGTWLTY
TGAIKLDDKDPNFKDQVILLNKHIDAYKTFP
;
_entity_poly.pdbx_strand_id   A,B,C,D,E,F,G,H
#
loop_
_chem_comp.id
_chem_comp.type
_chem_comp.name
_chem_comp.formula
GOL non-polymer GLYCEROL 'C3 H8 O3'
SO4 non-polymer 'SULFATE ION' 'O4 S -2'
#
# COMPACT_ATOMS: atom_id res chain seq x y z
N LYS A 4 2.84 11.56 12.57
CA LYS A 4 2.95 12.53 11.45
C LYS A 4 2.48 11.85 10.16
N PRO A 5 1.83 12.57 9.23
CA PRO A 5 1.41 11.99 7.95
C PRO A 5 2.58 11.60 7.05
N ARG A 6 2.26 10.73 6.09
CA ARG A 6 3.26 10.11 5.24
C ARG A 6 4.11 11.16 4.55
N GLN A 7 3.50 12.24 4.03
CA GLN A 7 4.23 13.26 3.29
C GLN A 7 5.25 14.03 4.14
N LYS A 8 5.18 13.93 5.46
CA LYS A 8 6.15 14.61 6.32
C LYS A 8 7.23 13.65 6.81
N ARG A 9 7.17 12.38 6.43
CA ARG A 9 8.21 11.47 6.89
C ARG A 9 9.54 11.76 6.23
N THR A 10 10.62 11.34 6.91
CA THR A 10 11.97 11.39 6.39
C THR A 10 12.58 10.01 6.51
N ALA A 11 13.00 9.42 5.39
CA ALA A 11 13.63 8.11 5.41
C ALA A 11 15.13 8.25 5.76
N THR A 12 15.60 7.25 6.53
CA THR A 12 16.97 7.15 6.99
C THR A 12 17.29 5.66 7.08
N LYS A 13 18.54 5.31 7.39
CA LYS A 13 18.92 3.93 7.58
C LYS A 13 18.03 3.15 8.57
N ALA A 14 17.53 3.80 9.62
CA ALA A 14 16.78 3.10 10.64
C ALA A 14 15.28 3.09 10.34
N TYR A 15 14.83 3.86 9.33
CA TYR A 15 13.43 3.88 8.92
C TYR A 15 13.42 4.22 7.42
N ASN A 16 13.42 3.18 6.59
CA ASN A 16 13.99 3.39 5.25
C ASN A 16 12.89 3.80 4.27
N VAL A 17 13.27 3.90 2.98
CA VAL A 17 12.31 4.37 1.99
C VAL A 17 11.11 3.42 1.89
N THR A 18 11.36 2.11 1.95
CA THR A 18 10.27 1.16 1.80
C THR A 18 9.33 1.25 3.01
N GLN A 19 9.93 1.39 4.16
CA GLN A 19 9.13 1.50 5.38
C GLN A 19 8.28 2.76 5.39
N ALA A 20 8.89 3.88 5.04
CA ALA A 20 8.20 5.17 5.05
C ALA A 20 7.21 5.32 3.91
N PHE A 21 7.52 4.79 2.72
CA PHE A 21 6.84 5.22 1.49
C PHE A 21 6.41 4.03 0.62
N GLY A 22 6.59 2.78 1.10
CA GLY A 22 6.20 1.59 0.35
C GLY A 22 7.24 1.13 -0.65
N ARG A 23 7.04 -0.10 -1.13
CA ARG A 23 7.84 -0.69 -2.18
C ARG A 23 7.83 0.24 -3.40
N ARG A 24 8.97 0.27 -4.10
CA ARG A 24 9.04 0.90 -5.41
C ARG A 24 8.21 0.09 -6.40
N GLY A 25 7.53 0.76 -7.31
CA GLY A 25 6.73 0.08 -8.33
C GLY A 25 6.15 1.03 -9.36
N PRO A 26 5.38 0.51 -10.35
CA PRO A 26 4.84 1.32 -11.44
C PRO A 26 3.45 1.93 -11.27
N GLU A 27 2.73 1.54 -10.21
CA GLU A 27 1.34 1.89 -10.09
C GLU A 27 1.19 3.33 -9.61
N GLN A 28 0.00 3.88 -9.82
CA GLN A 28 -0.25 5.30 -9.63
C GLN A 28 0.04 5.74 -8.20
N THR A 29 -0.23 4.83 -7.24
CA THR A 29 -0.07 5.10 -5.82
C THR A 29 1.36 4.86 -5.31
N GLN A 30 2.24 4.33 -6.16
CA GLN A 30 3.58 3.95 -5.73
C GLN A 30 4.61 4.97 -6.22
N GLY A 31 5.70 5.08 -5.49
CA GLY A 31 6.90 5.78 -5.93
C GLY A 31 7.77 4.85 -6.77
N ASN A 32 8.48 5.39 -7.77
CA ASN A 32 9.31 4.56 -8.64
C ASN A 32 10.80 4.89 -8.48
N PHE A 33 11.15 5.79 -7.58
CA PHE A 33 12.49 6.34 -7.48
C PHE A 33 13.29 5.68 -6.37
N GLY A 34 14.46 5.19 -6.77
CA GLY A 34 15.49 4.75 -5.85
C GLY A 34 16.01 3.35 -6.17
N ASP A 35 17.32 3.22 -6.23
CA ASP A 35 17.96 1.91 -6.30
C ASP A 35 18.07 1.33 -4.89
N GLN A 36 18.67 0.14 -4.77
CA GLN A 36 18.66 -0.51 -3.46
C GLN A 36 19.41 0.31 -2.41
N GLU A 37 20.50 0.96 -2.77
CA GLU A 37 21.28 1.74 -1.82
C GLU A 37 20.45 2.93 -1.31
N LEU A 38 19.76 3.67 -2.21
CA LEU A 38 18.99 4.80 -1.72
C LEU A 38 17.81 4.27 -0.92
N ILE A 39 17.17 3.19 -1.36
CA ILE A 39 16.03 2.73 -0.59
C ILE A 39 16.45 2.38 0.84
N ARG A 40 17.59 1.71 1.00
CA ARG A 40 18.04 1.30 2.34
C ARG A 40 18.56 2.46 3.19
N GLN A 41 19.05 3.57 2.58
CA GLN A 41 19.69 4.61 3.33
C GLN A 41 18.86 5.89 3.47
N GLY A 42 17.94 6.14 2.53
CA GLY A 42 17.18 7.37 2.57
C GLY A 42 18.10 8.60 2.53
N THR A 43 17.86 9.55 3.45
CA THR A 43 18.65 10.78 3.49
C THR A 43 20.09 10.54 3.95
N ASP A 44 20.42 9.34 4.42
CA ASP A 44 21.81 9.00 4.70
C ASP A 44 22.58 8.56 3.46
N TYR A 45 21.88 8.43 2.33
CA TYR A 45 22.53 8.04 1.09
C TYR A 45 23.58 9.06 0.68
N LYS A 46 24.71 8.55 0.20
CA LYS A 46 25.88 9.39 -0.02
C LYS A 46 25.57 10.56 -0.97
N HIS A 47 24.68 10.34 -1.94
CA HIS A 47 24.41 11.35 -2.96
C HIS A 47 23.07 12.04 -2.72
N TRP A 48 22.53 11.91 -1.50
CA TRP A 48 21.21 12.48 -1.21
C TRP A 48 21.13 13.98 -1.47
N PRO A 49 22.05 14.82 -0.96
CA PRO A 49 21.91 16.27 -1.20
C PRO A 49 21.90 16.64 -2.68
N GLN A 50 22.54 15.84 -3.51
CA GLN A 50 22.58 16.09 -4.96
C GLN A 50 21.21 15.79 -5.60
N ILE A 51 20.43 14.91 -4.99
CA ILE A 51 19.06 14.63 -5.40
C ILE A 51 18.11 15.67 -4.81
N ALA A 52 18.27 15.99 -3.51
CA ALA A 52 17.36 16.86 -2.79
C ALA A 52 17.35 18.29 -3.34
N GLN A 53 18.39 18.68 -4.07
CA GLN A 53 18.41 20.01 -4.66
C GLN A 53 17.22 20.17 -5.61
N PHE A 54 16.65 19.06 -6.09
CA PHE A 54 15.53 19.11 -7.04
C PHE A 54 14.16 19.02 -6.35
N ALA A 55 14.13 18.72 -5.04
CA ALA A 55 12.89 18.64 -4.31
C ALA A 55 12.31 20.04 -4.03
N PRO A 56 11.00 20.25 -4.20
CA PRO A 56 10.40 21.58 -4.00
C PRO A 56 10.21 21.96 -2.54
N SER A 57 10.41 23.25 -2.26
CA SER A 57 9.86 23.88 -1.08
C SER A 57 8.33 23.72 -1.04
N ALA A 58 7.73 23.84 0.14
CA ALA A 58 6.28 23.79 0.25
C ALA A 58 5.64 24.85 -0.63
N SER A 59 6.23 26.05 -0.63
CA SER A 59 5.73 27.13 -1.46
C SER A 59 5.80 26.79 -2.95
N ALA A 60 6.91 26.22 -3.43
CA ALA A 60 7.07 25.83 -4.81
C ALA A 60 6.16 24.65 -5.17
N PHE A 61 6.02 23.72 -4.24
CA PHE A 61 5.14 22.58 -4.48
C PHE A 61 3.75 23.08 -4.87
N PHE A 62 3.21 24.00 -4.07
CA PHE A 62 1.91 24.58 -4.37
C PHE A 62 1.95 25.65 -5.46
N GLY A 63 3.11 26.21 -5.78
CA GLY A 63 3.20 27.30 -6.74
C GLY A 63 3.46 26.84 -8.17
N MET A 64 4.20 25.74 -8.32
CA MET A 64 4.67 25.26 -9.60
C MET A 64 3.75 24.17 -10.15
N SER A 65 3.09 23.43 -9.26
CA SER A 65 2.41 22.20 -9.64
C SER A 65 1.00 22.46 -10.16
N ARG A 66 0.47 21.50 -10.92
CA ARG A 66 -0.96 21.42 -11.18
C ARG A 66 -1.56 20.57 -10.06
N ILE A 67 -2.40 21.22 -9.23
CA ILE A 67 -3.00 20.60 -8.07
C ILE A 67 -4.46 20.25 -8.34
N GLY A 68 -4.90 19.09 -7.87
CA GLY A 68 -6.30 18.67 -8.02
C GLY A 68 -6.76 17.93 -6.77
N MET A 69 -8.07 17.67 -6.71
N MET A 69 -8.06 17.61 -6.71
CA MET A 69 -8.67 16.85 -5.67
CA MET A 69 -8.58 16.81 -5.63
C MET A 69 -9.42 15.72 -6.37
C MET A 69 -9.51 15.75 -6.21
N GLU A 70 -9.19 14.47 -5.92
CA GLU A 70 -9.95 13.32 -6.41
C GLU A 70 -10.53 12.58 -5.21
N VAL A 71 -11.73 12.01 -5.38
CA VAL A 71 -12.27 11.14 -4.37
C VAL A 71 -12.52 9.77 -4.97
N THR A 72 -11.95 8.74 -4.33
CA THR A 72 -12.01 7.36 -4.78
C THR A 72 -12.53 6.54 -3.60
N PRO A 73 -12.87 5.25 -3.78
CA PRO A 73 -13.24 4.46 -2.61
C PRO A 73 -12.16 4.46 -1.52
N SER A 74 -10.87 4.53 -1.87
CA SER A 74 -9.84 4.50 -0.84
C SER A 74 -9.81 5.77 0.00
N GLY A 75 -10.17 6.92 -0.60
CA GLY A 75 -10.15 8.14 0.17
C GLY A 75 -10.14 9.38 -0.74
N THR A 76 -9.71 10.48 -0.14
CA THR A 76 -9.71 11.78 -0.77
C THR A 76 -8.25 12.17 -0.95
N TRP A 77 -7.91 12.53 -2.19
CA TRP A 77 -6.52 12.68 -2.59
C TRP A 77 -6.27 14.06 -3.13
N LEU A 78 -5.19 14.68 -2.67
CA LEU A 78 -4.65 15.87 -3.29
C LEU A 78 -3.63 15.47 -4.34
N THR A 79 -3.96 15.65 -5.62
CA THR A 79 -3.12 15.22 -6.73
C THR A 79 -2.18 16.37 -7.11
N TYR A 80 -0.99 16.01 -7.59
CA TYR A 80 -0.01 16.99 -8.03
C TYR A 80 0.76 16.48 -9.23
N THR A 81 1.18 17.41 -10.08
N THR A 81 1.06 17.38 -10.17
CA THR A 81 1.98 17.09 -11.24
CA THR A 81 1.94 17.11 -11.30
C THR A 81 2.75 18.34 -11.63
C THR A 81 2.76 18.34 -11.61
N GLY A 82 3.95 18.14 -12.17
CA GLY A 82 4.79 19.25 -12.57
C GLY A 82 6.07 18.78 -13.22
N ALA A 83 6.91 19.76 -13.59
CA ALA A 83 8.19 19.46 -14.17
C ALA A 83 9.17 20.53 -13.73
N ILE A 84 10.40 20.11 -13.46
CA ILE A 84 11.47 20.95 -12.96
C ILE A 84 12.59 20.92 -13.99
N LYS A 85 12.98 22.08 -14.50
CA LYS A 85 14.01 22.14 -15.54
C LYS A 85 15.39 22.06 -14.89
N LEU A 86 16.25 21.18 -15.41
CA LEU A 86 17.63 21.10 -14.91
C LEU A 86 18.44 22.19 -15.60
N ASP A 87 19.36 22.82 -14.86
CA ASP A 87 20.18 23.89 -15.43
C ASP A 87 21.32 23.24 -16.21
N ASP A 88 21.27 23.26 -17.55
CA ASP A 88 22.28 22.59 -18.33
C ASP A 88 23.58 23.40 -18.40
N LYS A 89 23.65 24.54 -17.68
CA LYS A 89 24.89 25.30 -17.54
C LYS A 89 25.60 24.96 -16.21
N ASP A 90 24.94 24.19 -15.33
CA ASP A 90 25.59 23.70 -14.13
C ASP A 90 26.74 22.80 -14.55
N PRO A 91 27.97 22.99 -14.01
CA PRO A 91 29.09 22.10 -14.31
C PRO A 91 28.81 20.61 -14.15
N ASN A 92 27.94 20.28 -13.18
CA ASN A 92 27.70 18.89 -12.81
C ASN A 92 26.43 18.34 -13.48
N PHE A 93 25.90 19.09 -14.49
CA PHE A 93 24.68 18.71 -15.17
C PHE A 93 24.72 17.27 -15.65
N LYS A 94 25.75 16.86 -16.38
CA LYS A 94 25.74 15.52 -16.94
C LYS A 94 25.63 14.45 -15.85
N ASP A 95 26.32 14.68 -14.72
CA ASP A 95 26.33 13.76 -13.58
C ASP A 95 24.98 13.74 -12.88
N GLN A 96 24.34 14.90 -12.78
CA GLN A 96 23.00 15.01 -12.19
C GLN A 96 22.01 14.15 -12.95
N VAL A 97 22.03 14.26 -14.29
CA VAL A 97 21.14 13.46 -15.10
C VAL A 97 21.44 11.98 -14.90
N ILE A 98 22.72 11.60 -14.92
CA ILE A 98 23.12 10.22 -14.74
C ILE A 98 22.60 9.69 -13.39
N LEU A 99 22.76 10.48 -12.33
CA LEU A 99 22.30 10.08 -11.00
C LEU A 99 20.78 9.90 -10.97
N LEU A 100 20.03 10.85 -11.54
CA LEU A 100 18.59 10.76 -11.50
C LEU A 100 18.14 9.52 -12.25
N ASN A 101 18.77 9.25 -13.39
CA ASN A 101 18.37 8.14 -14.22
C ASN A 101 18.72 6.82 -13.55
N LYS A 102 19.78 6.82 -12.74
CA LYS A 102 20.15 5.60 -12.07
C LYS A 102 19.06 5.17 -11.09
N HIS A 103 18.35 6.17 -10.51
CA HIS A 103 17.35 5.88 -9.49
C HIS A 103 15.94 5.74 -10.05
N ILE A 104 15.62 6.41 -11.18
CA ILE A 104 14.32 6.27 -11.79
C ILE A 104 14.10 4.87 -12.31
N ASP A 105 13.08 4.19 -11.77
CA ASP A 105 12.73 2.83 -12.18
C ASP A 105 13.88 1.84 -11.96
N ALA A 106 14.74 2.12 -11.01
CA ALA A 106 15.81 1.18 -10.65
C ALA A 106 15.24 -0.20 -10.29
N TYR A 107 14.06 -0.25 -9.69
CA TYR A 107 13.44 -1.45 -9.13
C TYR A 107 13.20 -2.50 -10.23
N LYS A 108 13.16 -2.05 -11.48
CA LYS A 108 12.91 -2.97 -12.59
C LYS A 108 14.03 -3.97 -12.75
N THR A 109 15.22 -3.65 -12.26
CA THR A 109 16.32 -4.58 -12.36
C THR A 109 16.69 -5.14 -10.98
N PHE A 110 15.76 -5.08 -10.02
CA PHE A 110 15.99 -5.66 -8.69
C PHE A 110 15.97 -7.18 -8.85
N PRO A 111 17.10 -7.84 -8.55
CA PRO A 111 17.24 -9.29 -8.65
C PRO A 111 17.00 -9.90 -7.26
N LYS B 3 16.73 34.50 -8.07
CA LYS B 3 18.09 33.94 -8.22
C LYS B 3 18.10 32.46 -7.86
N LYS B 4 17.24 32.03 -6.91
CA LYS B 4 17.16 30.62 -6.56
C LYS B 4 16.51 29.84 -7.70
N PRO B 5 16.89 28.56 -7.89
CA PRO B 5 16.14 27.63 -8.74
C PRO B 5 14.68 27.70 -8.35
N ARG B 6 13.81 27.61 -9.36
CA ARG B 6 12.38 27.78 -9.18
C ARG B 6 11.86 26.92 -8.02
N GLN B 7 12.31 25.65 -7.97
CA GLN B 7 11.78 24.70 -7.01
C GLN B 7 12.17 24.98 -5.55
N LYS B 8 13.13 25.91 -5.32
CA LYS B 8 13.57 26.23 -3.97
C LYS B 8 13.07 27.61 -3.54
N ARG B 9 12.33 28.30 -4.41
CA ARG B 9 11.81 29.61 -4.06
C ARG B 9 10.70 29.55 -3.02
N THR B 10 10.58 30.64 -2.26
CA THR B 10 9.55 30.80 -1.25
C THR B 10 8.77 32.07 -1.54
N ALA B 11 7.48 31.93 -1.84
CA ALA B 11 6.65 33.11 -2.10
C ALA B 11 6.30 33.76 -0.76
N THR B 12 6.33 35.10 -0.74
CA THR B 12 5.96 35.91 0.41
C THR B 12 5.34 37.20 -0.11
N LYS B 13 4.86 38.06 0.80
CA LYS B 13 4.29 39.35 0.38
C LYS B 13 5.29 40.15 -0.44
N ALA B 14 6.58 40.02 -0.12
CA ALA B 14 7.67 40.70 -0.83
C ALA B 14 8.02 40.06 -2.18
N TYR B 15 7.69 38.77 -2.40
CA TYR B 15 8.07 38.08 -3.62
C TYR B 15 6.97 37.08 -3.91
N ASN B 16 5.91 37.51 -4.61
CA ASN B 16 4.62 36.84 -4.47
C ASN B 16 4.57 35.64 -5.41
N VAL B 17 3.42 34.96 -5.43
CA VAL B 17 3.33 33.71 -6.16
C VAL B 17 3.54 33.94 -7.64
N THR B 18 3.02 35.05 -8.16
CA THR B 18 3.21 35.34 -9.58
C THR B 18 4.67 35.63 -9.89
N GLN B 19 5.30 36.43 -9.04
CA GLN B 19 6.70 36.75 -9.23
C GLN B 19 7.57 35.49 -9.18
N ALA B 20 7.32 34.64 -8.19
CA ALA B 20 8.16 33.46 -7.98
C ALA B 20 7.82 32.32 -8.94
N PHE B 21 6.53 32.14 -9.26
CA PHE B 21 6.12 30.92 -9.97
C PHE B 21 5.26 31.16 -11.21
N GLY B 22 5.12 32.41 -11.67
CA GLY B 22 4.35 32.70 -12.85
C GLY B 22 2.83 32.77 -12.61
N ARG B 23 2.13 33.38 -13.58
CA ARG B 23 0.68 33.53 -13.49
C ARG B 23 0.04 32.16 -13.43
N ARG B 24 -1.03 32.05 -12.66
CA ARG B 24 -1.85 30.86 -12.65
C ARG B 24 -2.50 30.66 -14.02
N GLY B 25 -2.70 29.41 -14.41
CA GLY B 25 -3.40 29.16 -15.66
C GLY B 25 -3.56 27.68 -15.90
N PRO B 26 -4.07 27.29 -17.08
CA PRO B 26 -4.45 25.90 -17.35
C PRO B 26 -3.43 25.03 -18.10
N GLU B 27 -2.23 25.58 -18.39
CA GLU B 27 -1.25 24.88 -19.22
C GLU B 27 -0.30 24.08 -18.32
N GLN B 28 0.69 23.36 -18.89
CA GLN B 28 1.66 22.54 -18.12
C GLN B 28 2.90 23.32 -17.64
N THR B 29 3.38 22.97 -16.44
CA THR B 29 4.42 23.66 -15.69
C THR B 29 3.91 25.00 -15.16
N GLN B 30 2.73 25.38 -15.69
CA GLN B 30 1.87 26.43 -15.17
C GLN B 30 1.09 25.90 -13.97
N GLY B 31 1.29 26.58 -12.85
CA GLY B 31 0.57 26.34 -11.61
C GLY B 31 -0.89 26.80 -11.68
N ASN B 32 -1.78 26.06 -11.03
CA ASN B 32 -3.21 26.40 -11.04
C ASN B 32 -3.73 26.71 -9.65
N PHE B 33 -2.85 26.80 -8.67
CA PHE B 33 -3.28 26.87 -7.27
C PHE B 33 -3.10 28.27 -6.73
N GLY B 34 -4.20 28.78 -6.12
CA GLY B 34 -4.17 29.98 -5.32
C GLY B 34 -5.21 31.01 -5.75
N ASP B 35 -5.96 31.52 -4.77
CA ASP B 35 -6.82 32.66 -5.00
C ASP B 35 -6.00 33.94 -4.93
N GLN B 36 -6.70 35.09 -5.08
CA GLN B 36 -5.96 36.35 -5.15
C GLN B 36 -5.17 36.65 -3.87
N GLU B 37 -5.72 36.28 -2.70
CA GLU B 37 -5.11 36.52 -1.40
C GLU B 37 -3.83 35.69 -1.25
N LEU B 38 -3.88 34.38 -1.60
CA LEU B 38 -2.70 33.57 -1.52
C LEU B 38 -1.69 34.00 -2.57
N ILE B 39 -2.14 34.34 -3.76
CA ILE B 39 -1.19 34.76 -4.78
C ILE B 39 -0.36 35.95 -4.30
N ARG B 40 -1.02 36.91 -3.64
N ARG B 40 -1.02 36.91 -3.63
CA ARG B 40 -0.34 38.12 -3.19
CA ARG B 40 -0.39 38.12 -3.18
C ARG B 40 0.55 37.87 -1.98
C ARG B 40 0.50 37.91 -1.94
N GLN B 41 0.23 36.85 -1.16
CA GLN B 41 0.85 36.74 0.16
C GLN B 41 1.78 35.54 0.26
N GLY B 42 1.61 34.52 -0.59
CA GLY B 42 2.47 33.36 -0.42
C GLY B 42 2.41 32.79 0.99
N THR B 43 3.58 32.46 1.52
CA THR B 43 3.70 31.84 2.83
C THR B 43 3.28 32.80 3.95
N ASP B 44 3.00 34.07 3.65
CA ASP B 44 2.43 34.96 4.66
C ASP B 44 0.91 34.83 4.76
N TYR B 45 0.28 34.05 3.87
CA TYR B 45 -1.16 33.84 3.90
C TYR B 45 -1.59 33.22 5.23
N LYS B 46 -2.73 33.69 5.74
CA LYS B 46 -3.22 33.30 7.06
C LYS B 46 -3.38 31.80 7.23
N HIS B 47 -3.71 31.07 6.16
CA HIS B 47 -3.94 29.65 6.28
C HIS B 47 -2.80 28.86 5.63
N TRP B 48 -1.66 29.49 5.42
CA TRP B 48 -0.53 28.83 4.79
C TRP B 48 -0.17 27.53 5.53
N PRO B 49 -0.07 27.48 6.87
CA PRO B 49 0.26 26.21 7.55
C PRO B 49 -0.71 25.07 7.23
N GLN B 50 -2.00 25.37 7.05
CA GLN B 50 -3.01 24.36 6.81
C GLN B 50 -2.88 23.84 5.37
N ILE B 51 -2.27 24.64 4.49
CA ILE B 51 -1.95 24.18 3.14
C ILE B 51 -0.63 23.38 3.14
N ALA B 52 0.37 23.95 3.78
CA ALA B 52 1.73 23.40 3.82
C ALA B 52 1.79 22.03 4.47
N GLN B 53 0.83 21.71 5.33
CA GLN B 53 0.76 20.39 5.96
C GLN B 53 0.68 19.29 4.89
N PHE B 54 0.24 19.63 3.66
CA PHE B 54 0.13 18.63 2.61
C PHE B 54 1.36 18.58 1.71
N ALA B 55 2.30 19.53 1.83
CA ALA B 55 3.48 19.56 0.98
C ALA B 55 4.48 18.52 1.49
N PRO B 56 5.12 17.74 0.59
CA PRO B 56 6.06 16.70 1.03
C PRO B 56 7.42 17.24 1.44
N SER B 57 8.05 16.52 2.40
CA SER B 57 9.48 16.66 2.64
C SER B 57 10.26 16.27 1.40
N ALA B 58 11.53 16.67 1.28
CA ALA B 58 12.39 16.22 0.19
C ALA B 58 12.38 14.69 0.08
N SER B 59 12.49 14.00 1.22
CA SER B 59 12.50 12.55 1.24
C SER B 59 11.18 11.99 0.68
N ALA B 60 10.06 12.51 1.19
CA ALA B 60 8.76 12.08 0.74
C ALA B 60 8.52 12.41 -0.73
N PHE B 61 9.00 13.55 -1.20
CA PHE B 61 8.79 13.91 -2.60
C PHE B 61 9.41 12.84 -3.50
N PHE B 62 10.65 12.45 -3.19
CA PHE B 62 11.35 11.43 -3.96
C PHE B 62 10.90 10.03 -3.58
N GLY B 63 10.29 9.84 -2.43
CA GLY B 63 9.82 8.52 -2.01
C GLY B 63 8.43 8.18 -2.55
N MET B 64 7.54 9.19 -2.64
CA MET B 64 6.13 8.96 -2.92
CA MET B 64 6.13 8.96 -2.92
C MET B 64 5.82 9.15 -4.40
N SER B 65 6.54 10.06 -5.05
CA SER B 65 6.18 10.51 -6.39
C SER B 65 6.61 9.55 -7.47
N ARG B 66 5.97 9.69 -8.64
CA ARG B 66 6.41 9.08 -9.89
C ARG B 66 7.32 10.07 -10.54
N ILE B 67 8.60 9.74 -10.64
CA ILE B 67 9.62 10.63 -11.14
C ILE B 67 10.00 10.17 -12.54
N GLY B 68 10.15 11.16 -13.43
CA GLY B 68 10.58 10.89 -14.78
C GLY B 68 11.59 11.92 -15.25
N MET B 69 12.15 11.66 -16.43
N MET B 69 12.24 11.57 -16.36
CA MET B 69 13.09 12.58 -17.05
CA MET B 69 13.05 12.52 -17.10
C MET B 69 12.78 12.68 -18.54
C MET B 69 12.44 12.67 -18.49
N GLU B 70 12.43 13.91 -18.97
CA GLU B 70 11.95 14.22 -20.30
C GLU B 70 13.02 15.12 -20.93
N VAL B 71 13.59 14.70 -22.05
CA VAL B 71 14.52 15.56 -22.72
C VAL B 71 13.84 16.02 -24.00
N THR B 72 13.78 17.33 -24.20
CA THR B 72 12.96 17.90 -25.24
C THR B 72 13.79 19.01 -25.87
N PRO B 73 13.27 19.68 -26.92
CA PRO B 73 14.03 20.78 -27.52
C PRO B 73 14.38 21.90 -26.55
N SER B 74 13.63 22.04 -25.44
CA SER B 74 13.89 23.09 -24.47
C SER B 74 14.91 22.68 -23.39
N GLY B 75 15.20 21.39 -23.26
CA GLY B 75 16.14 20.98 -22.22
C GLY B 75 15.77 19.64 -21.63
N THR B 76 16.35 19.42 -20.43
CA THR B 76 16.10 18.21 -19.66
C THR B 76 15.23 18.60 -18.47
N TRP B 77 14.14 17.87 -18.33
CA TRP B 77 13.12 18.13 -17.32
C TRP B 77 12.92 16.91 -16.44
N LEU B 78 12.87 17.16 -15.13
CA LEU B 78 12.49 16.18 -14.13
C LEU B 78 11.00 16.33 -13.93
N THR B 79 10.26 15.30 -14.27
CA THR B 79 8.81 15.30 -14.14
C THR B 79 8.43 14.58 -12.85
N TYR B 80 7.31 15.01 -12.27
CA TYR B 80 6.79 14.42 -11.05
C TYR B 80 5.26 14.39 -11.06
N THR B 81 4.71 13.29 -10.55
N THR B 81 4.69 13.28 -10.58
CA THR B 81 3.27 13.14 -10.37
CA THR B 81 3.26 13.16 -10.37
C THR B 81 3.06 12.34 -9.11
C THR B 81 3.07 12.36 -9.08
N GLY B 82 1.96 12.60 -8.40
CA GLY B 82 1.66 11.83 -7.20
C GLY B 82 0.34 12.30 -6.62
N ALA B 83 0.02 11.73 -5.46
CA ALA B 83 -1.19 12.09 -4.73
C ALA B 83 -0.92 11.97 -3.23
N ILE B 84 -1.44 12.93 -2.48
CA ILE B 84 -1.29 12.98 -1.04
C ILE B 84 -2.66 12.63 -0.46
N LYS B 85 -2.73 11.60 0.40
CA LYS B 85 -4.02 11.20 0.96
C LYS B 85 -4.37 12.12 2.12
N LEU B 86 -5.59 12.68 2.10
CA LEU B 86 -6.11 13.39 3.25
C LEU B 86 -6.53 12.36 4.30
N ASP B 87 -6.53 12.77 5.57
CA ASP B 87 -6.89 11.90 6.69
C ASP B 87 -8.38 12.07 7.02
N ASP B 88 -9.19 11.11 6.59
CA ASP B 88 -10.64 11.16 6.66
C ASP B 88 -11.09 11.25 8.12
N LYS B 89 -10.23 10.79 9.05
CA LYS B 89 -10.52 10.80 10.49
C LYS B 89 -10.06 12.09 11.16
N ASP B 90 -9.41 13.00 10.44
CA ASP B 90 -8.96 14.25 11.03
C ASP B 90 -10.20 15.09 11.34
N PRO B 91 -10.42 15.64 12.56
CA PRO B 91 -11.63 16.40 12.81
C PRO B 91 -11.76 17.65 11.93
N ASN B 92 -10.65 18.10 11.35
CA ASN B 92 -10.63 19.25 10.43
C ASN B 92 -10.61 18.85 8.96
N PHE B 93 -10.92 17.59 8.64
CA PHE B 93 -10.97 17.11 7.26
C PHE B 93 -11.87 17.98 6.39
N LYS B 94 -13.08 18.32 6.88
CA LYS B 94 -14.02 19.05 6.04
C LYS B 94 -13.47 20.43 5.70
N ASP B 95 -12.79 21.06 6.67
CA ASP B 95 -12.21 22.37 6.48
C ASP B 95 -11.03 22.31 5.53
N GLN B 96 -10.25 21.23 5.61
CA GLN B 96 -9.13 21.06 4.70
C GLN B 96 -9.61 20.96 3.25
N VAL B 97 -10.64 20.17 3.04
CA VAL B 97 -11.20 19.99 1.70
C VAL B 97 -11.70 21.33 1.18
N ILE B 98 -12.39 22.09 2.04
CA ILE B 98 -12.90 23.40 1.63
C ILE B 98 -11.74 24.33 1.25
N LEU B 99 -10.67 24.31 2.05
CA LEU B 99 -9.57 25.23 1.84
C LEU B 99 -8.84 24.89 0.55
N LEU B 100 -8.56 23.60 0.34
CA LEU B 100 -7.83 23.27 -0.88
C LEU B 100 -8.67 23.64 -2.09
N ASN B 101 -9.97 23.32 -2.04
CA ASN B 101 -10.84 23.52 -3.17
C ASN B 101 -10.97 25.01 -3.47
N LYS B 102 -10.88 25.83 -2.43
CA LYS B 102 -10.94 27.26 -2.62
C LYS B 102 -9.81 27.77 -3.50
N HIS B 103 -8.64 27.13 -3.42
CA HIS B 103 -7.44 27.55 -4.14
C HIS B 103 -7.26 26.84 -5.48
N ILE B 104 -7.76 25.62 -5.61
CA ILE B 104 -7.59 24.91 -6.88
C ILE B 104 -8.40 25.62 -7.97
N ASP B 105 -7.69 26.08 -9.01
CA ASP B 105 -8.29 26.70 -10.18
C ASP B 105 -9.04 27.98 -9.81
N ALA B 106 -8.65 28.64 -8.73
CA ALA B 106 -9.32 29.87 -8.31
C ALA B 106 -9.19 30.93 -9.39
N TYR B 107 -8.08 30.89 -10.14
CA TYR B 107 -7.75 31.91 -11.13
C TYR B 107 -8.85 32.02 -12.18
N LYS B 108 -9.67 30.99 -12.36
N LYS B 108 -9.67 31.00 -12.37
CA LYS B 108 -10.72 30.99 -13.37
CA LYS B 108 -10.72 31.02 -13.39
C LYS B 108 -11.74 32.09 -13.10
C LYS B 108 -11.73 32.13 -13.11
N THR B 109 -11.82 32.54 -11.85
CA THR B 109 -12.89 33.44 -11.42
C THR B 109 -12.44 34.90 -11.37
N PHE B 110 -11.20 35.22 -11.75
CA PHE B 110 -10.72 36.59 -11.73
C PHE B 110 -9.76 36.84 -12.87
N PRO B 111 -9.51 38.08 -13.32
CA PRO B 111 -8.57 38.31 -14.39
C PRO B 111 -7.18 37.78 -14.03
N LYS C 3 -14.11 -37.90 0.95
CA LYS C 3 -13.20 -37.14 1.84
C LYS C 3 -12.43 -36.11 1.01
N LYS C 4 -12.67 -34.83 1.29
CA LYS C 4 -12.16 -33.75 0.45
C LYS C 4 -10.64 -33.69 0.57
N PRO C 5 -9.94 -33.11 -0.44
CA PRO C 5 -8.53 -32.74 -0.29
C PRO C 5 -8.45 -31.85 0.93
N ARG C 6 -7.27 -31.92 1.59
CA ARG C 6 -7.09 -31.28 2.87
C ARG C 6 -7.50 -29.81 2.80
N GLN C 7 -7.07 -29.13 1.71
CA GLN C 7 -7.21 -27.70 1.61
C GLN C 7 -8.67 -27.24 1.47
N LYS C 8 -9.62 -28.15 1.18
CA LYS C 8 -11.02 -27.75 1.04
C LYS C 8 -11.87 -28.27 2.20
N ARG C 9 -11.26 -28.89 3.20
CA ARG C 9 -12.04 -29.38 4.35
C ARG C 9 -12.56 -28.23 5.20
N THR C 10 -13.69 -28.51 5.86
CA THR C 10 -14.31 -27.59 6.80
C THR C 10 -14.43 -28.30 8.13
N ALA C 11 -13.68 -27.83 9.12
CA ALA C 11 -13.77 -28.36 10.49
C ALA C 11 -15.06 -27.86 11.12
N THR C 12 -15.72 -28.77 11.86
CA THR C 12 -16.93 -28.48 12.62
C THR C 12 -16.88 -29.36 13.88
N LYS C 13 -17.89 -29.25 14.74
CA LYS C 13 -18.01 -30.16 15.88
C LYS C 13 -17.96 -31.64 15.49
N ALA C 14 -18.54 -32.02 14.35
CA ALA C 14 -18.58 -33.42 13.93
C ALA C 14 -17.28 -33.89 13.26
N TYR C 15 -16.45 -32.96 12.80
CA TYR C 15 -15.21 -33.27 12.11
C TYR C 15 -14.21 -32.18 12.47
N ASN C 16 -13.46 -32.36 13.57
CA ASN C 16 -12.89 -31.22 14.23
C ASN C 16 -11.53 -30.88 13.62
N VAL C 17 -10.89 -29.86 14.16
CA VAL C 17 -9.64 -29.38 13.59
C VAL C 17 -8.57 -30.47 13.57
N THR C 18 -8.46 -31.25 14.64
CA THR C 18 -7.50 -32.34 14.67
C THR C 18 -7.80 -33.39 13.59
N GLN C 19 -9.08 -33.76 13.48
CA GLN C 19 -9.49 -34.76 12.50
C GLN C 19 -9.22 -34.29 11.08
N ALA C 20 -9.50 -33.01 10.81
CA ALA C 20 -9.38 -32.46 9.46
C ALA C 20 -7.95 -32.10 9.09
N PHE C 21 -7.21 -31.56 10.06
CA PHE C 21 -5.95 -30.90 9.76
C PHE C 21 -4.76 -31.41 10.59
N GLY C 22 -4.95 -32.42 11.44
CA GLY C 22 -3.89 -32.92 12.30
C GLY C 22 -3.68 -32.12 13.58
N ARG C 23 -2.94 -32.72 14.52
CA ARG C 23 -2.61 -32.07 15.78
C ARG C 23 -1.84 -30.78 15.52
N ARG C 24 -2.09 -29.77 16.36
CA ARG C 24 -1.30 -28.56 16.29
C ARG C 24 0.12 -28.89 16.73
N GLY C 25 1.10 -28.17 16.19
CA GLY C 25 2.47 -28.32 16.71
C GLY C 25 3.45 -27.39 16.04
N PRO C 26 4.77 -27.55 16.31
CA PRO C 26 5.79 -26.59 15.89
C PRO C 26 6.53 -26.93 14.61
N GLU C 27 6.22 -28.08 13.99
CA GLU C 27 6.99 -28.54 12.85
C GLU C 27 6.60 -27.72 11.63
N GLN C 28 7.57 -27.59 10.74
CA GLN C 28 7.46 -26.67 9.62
C GLN C 28 6.22 -26.91 8.77
N THR C 29 5.71 -28.14 8.71
CA THR C 29 4.52 -28.48 7.92
C THR C 29 3.22 -28.58 8.72
N GLN C 30 3.27 -28.35 10.03
CA GLN C 30 2.12 -28.61 10.89
C GLN C 30 1.40 -27.29 11.14
N GLY C 31 0.08 -27.31 11.32
CA GLY C 31 -0.67 -26.15 11.78
C GLY C 31 -0.36 -25.78 13.25
N ASN C 32 -0.36 -24.48 13.58
CA ASN C 32 -0.10 -24.05 14.96
C ASN C 32 -1.26 -23.25 15.55
N PHE C 33 -2.37 -23.15 14.83
CA PHE C 33 -3.42 -22.22 15.23
C PHE C 33 -4.60 -22.96 15.85
N GLY C 34 -4.99 -22.45 17.04
CA GLY C 34 -6.24 -22.82 17.68
C GLY C 34 -6.06 -23.26 19.12
N ASP C 35 -6.91 -22.72 20.01
CA ASP C 35 -6.98 -23.22 21.37
C ASP C 35 -7.91 -24.44 21.41
N GLN C 36 -8.10 -25.00 22.62
CA GLN C 36 -8.86 -26.23 22.73
C GLN C 36 -10.29 -26.10 22.22
N GLU C 37 -10.92 -24.94 22.47
CA GLU C 37 -12.31 -24.70 22.10
C GLU C 37 -12.44 -24.64 20.58
N LEU C 38 -11.54 -23.87 19.94
CA LEU C 38 -11.53 -23.84 18.48
C LEU C 38 -11.20 -25.20 17.90
N ILE C 39 -10.25 -25.94 18.48
CA ILE C 39 -9.88 -27.21 17.90
C ILE C 39 -11.09 -28.16 17.90
N ARG C 40 -11.88 -28.15 18.98
CA ARG C 40 -12.96 -29.11 19.03
C ARG C 40 -14.23 -28.65 18.29
N GLN C 41 -14.32 -27.39 17.87
CA GLN C 41 -15.52 -26.84 17.26
C GLN C 41 -15.35 -26.38 15.82
N GLY C 42 -14.13 -26.12 15.40
CA GLY C 42 -13.95 -25.60 14.06
C GLY C 42 -14.85 -24.39 13.79
N THR C 43 -15.48 -24.40 12.61
CA THR C 43 -16.32 -23.31 12.18
C THR C 43 -17.56 -23.12 13.05
N ASP C 44 -17.81 -24.05 13.99
CA ASP C 44 -18.87 -23.88 14.98
C ASP C 44 -18.41 -23.01 16.15
N TYR C 45 -17.12 -22.66 16.20
CA TYR C 45 -16.58 -21.81 17.24
C TYR C 45 -17.26 -20.44 17.30
N LYS C 46 -17.53 -19.97 18.53
CA LYS C 46 -18.31 -18.76 18.75
C LYS C 46 -17.69 -17.53 18.07
N HIS C 47 -16.36 -17.47 17.93
CA HIS C 47 -15.77 -16.33 17.24
C HIS C 47 -15.24 -16.70 15.86
N TRP C 48 -15.73 -17.77 15.25
CA TRP C 48 -15.23 -18.17 13.95
C TRP C 48 -15.37 -17.06 12.89
N PRO C 49 -16.51 -16.35 12.77
CA PRO C 49 -16.55 -15.22 11.81
C PRO C 49 -15.44 -14.14 11.99
N GLN C 50 -15.04 -13.82 13.22
CA GLN C 50 -14.05 -12.78 13.47
C GLN C 50 -12.65 -13.28 13.09
N ILE C 51 -12.49 -14.62 13.03
CA ILE C 51 -11.26 -15.21 12.52
C ILE C 51 -11.32 -15.28 11.00
N ALA C 52 -12.44 -15.77 10.47
CA ALA C 52 -12.59 -16.04 9.04
C ALA C 52 -12.50 -14.75 8.22
N GLN C 53 -12.76 -13.59 8.84
CA GLN C 53 -12.61 -12.31 8.13
C GLN C 53 -11.19 -12.11 7.60
N PHE C 54 -10.21 -12.84 8.18
CA PHE C 54 -8.82 -12.72 7.76
C PHE C 54 -8.44 -13.74 6.69
N ALA C 55 -9.28 -14.75 6.44
CA ALA C 55 -8.92 -15.80 5.48
C ALA C 55 -9.13 -15.29 4.07
N PRO C 56 -8.18 -15.53 3.16
CA PRO C 56 -8.33 -15.03 1.79
C PRO C 56 -9.29 -15.83 0.92
N SER C 57 -9.98 -15.11 -0.01
CA SER C 57 -10.67 -15.75 -1.11
C SER C 57 -9.65 -16.51 -1.94
N ALA C 58 -10.09 -17.42 -2.81
CA ALA C 58 -9.17 -18.14 -3.67
C ALA C 58 -8.39 -17.19 -4.56
N SER C 59 -9.11 -16.21 -5.09
CA SER C 59 -8.50 -15.18 -5.91
C SER C 59 -7.40 -14.41 -5.15
N ALA C 60 -7.69 -13.97 -3.92
CA ALA C 60 -6.71 -13.28 -3.10
C ALA C 60 -5.54 -14.17 -2.69
N PHE C 61 -5.83 -15.44 -2.41
CA PHE C 61 -4.77 -16.34 -2.01
C PHE C 61 -3.72 -16.42 -3.12
N PHE C 62 -4.18 -16.55 -4.37
CA PHE C 62 -3.28 -16.62 -5.50
C PHE C 62 -2.79 -15.25 -5.94
N GLY C 63 -3.50 -14.20 -5.56
CA GLY C 63 -3.10 -12.82 -5.89
C GLY C 63 -2.06 -12.23 -4.94
N MET C 64 -2.18 -12.50 -3.64
CA MET C 64 -1.39 -11.84 -2.60
CA MET C 64 -1.38 -11.83 -2.61
C MET C 64 -0.13 -12.64 -2.28
N SER C 65 -0.19 -13.97 -2.40
CA SER C 65 0.83 -14.81 -1.79
C SER C 65 2.05 -15.01 -2.67
N ARG C 66 3.13 -15.44 -2.03
CA ARG C 66 4.30 -15.98 -2.71
C ARG C 66 4.06 -17.46 -2.91
N ILE C 67 3.91 -17.87 -4.16
CA ILE C 67 3.54 -19.22 -4.51
C ILE C 67 4.78 -19.89 -5.08
N GLY C 68 4.98 -21.18 -4.71
CA GLY C 68 6.06 -21.95 -5.26
C GLY C 68 5.62 -23.39 -5.49
N MET C 69 6.48 -24.15 -6.17
N MET C 69 6.49 -24.13 -6.17
CA MET C 69 6.27 -25.56 -6.40
CA MET C 69 6.28 -25.55 -6.34
C MET C 69 7.56 -26.28 -5.96
C MET C 69 7.57 -26.23 -5.89
N GLU C 70 7.42 -27.29 -5.11
CA GLU C 70 8.55 -28.08 -4.65
C GLU C 70 8.26 -29.52 -5.00
N VAL C 71 9.20 -30.12 -5.71
CA VAL C 71 9.06 -31.52 -6.04
C VAL C 71 10.12 -32.27 -5.25
N THR C 72 9.66 -33.17 -4.39
CA THR C 72 10.50 -33.77 -3.36
C THR C 72 10.22 -35.26 -3.40
N PRO C 73 10.93 -36.07 -2.59
CA PRO C 73 10.63 -37.49 -2.57
C PRO C 73 9.20 -37.88 -2.21
N SER C 74 8.45 -37.00 -1.51
CA SER C 74 7.06 -37.30 -1.15
C SER C 74 6.03 -36.92 -2.20
N GLY C 75 6.41 -36.13 -3.19
CA GLY C 75 5.43 -35.66 -4.14
C GLY C 75 5.71 -34.24 -4.62
N THR C 76 4.63 -33.64 -5.15
CA THR C 76 4.69 -32.30 -5.69
C THR C 76 3.80 -31.44 -4.80
N TRP C 77 4.42 -30.39 -4.30
CA TRP C 77 3.83 -29.53 -3.28
C TRP C 77 3.75 -28.07 -3.76
N LEU C 78 2.57 -27.47 -3.56
CA LEU C 78 2.37 -26.06 -3.78
C LEU C 78 2.61 -25.36 -2.46
N THR C 79 3.62 -24.50 -2.44
CA THR C 79 4.03 -23.80 -1.25
C THR C 79 3.47 -22.38 -1.30
N TYR C 80 3.17 -21.87 -0.14
CA TYR C 80 2.63 -20.52 -0.06
C TYR C 80 3.14 -19.81 1.19
N THR C 81 3.44 -18.52 1.04
N THR C 81 3.39 -18.51 1.04
CA THR C 81 3.67 -17.63 2.17
CA THR C 81 3.67 -17.63 2.15
C THR C 81 3.01 -16.30 1.85
C THR C 81 3.03 -16.29 1.85
N GLY C 82 2.62 -15.57 2.90
CA GLY C 82 2.09 -14.24 2.70
C GLY C 82 1.75 -13.62 4.05
N ALA C 83 1.09 -12.47 3.94
CA ALA C 83 0.66 -11.77 5.15
C ALA C 83 -0.61 -10.99 4.80
N ILE C 84 -1.53 -11.02 5.77
CA ILE C 84 -2.80 -10.30 5.73
C ILE C 84 -2.63 -9.07 6.61
N LYS C 85 -2.82 -7.87 6.06
N LYS C 85 -2.81 -7.87 6.07
CA LYS C 85 -2.64 -6.66 6.85
CA LYS C 85 -2.63 -6.67 6.86
C LYS C 85 -3.91 -6.40 7.67
C LYS C 85 -3.91 -6.40 7.67
N LEU C 86 -3.75 -6.21 8.99
CA LEU C 86 -4.85 -5.83 9.86
C LEU C 86 -5.10 -4.35 9.66
N ASP C 87 -6.36 -3.92 9.85
CA ASP C 87 -6.76 -2.54 9.57
C ASP C 87 -6.65 -1.75 10.87
N ASP C 88 -5.63 -0.89 10.96
CA ASP C 88 -5.36 -0.13 12.18
C ASP C 88 -6.53 0.81 12.48
N LYS C 89 -7.31 1.17 11.45
CA LYS C 89 -8.42 2.11 11.63
C LYS C 89 -9.70 1.41 12.08
N ASP C 90 -9.71 0.07 12.10
CA ASP C 90 -10.90 -0.68 12.48
C ASP C 90 -11.15 -0.49 13.97
N PRO C 91 -12.37 -0.10 14.40
CA PRO C 91 -12.63 0.07 15.82
C PRO C 91 -12.42 -1.20 16.63
N ASN C 92 -12.45 -2.38 15.97
CA ASN C 92 -12.27 -3.66 16.65
C ASN C 92 -10.86 -4.23 16.49
N PHE C 93 -9.92 -3.40 16.03
CA PHE C 93 -8.53 -3.81 15.85
C PHE C 93 -7.95 -4.47 17.10
N LYS C 94 -8.11 -3.87 18.27
CA LYS C 94 -7.48 -4.41 19.47
C LYS C 94 -8.06 -5.77 19.83
N ASP C 95 -9.35 -5.94 19.59
CA ASP C 95 -10.02 -7.21 19.89
C ASP C 95 -9.59 -8.26 18.88
N GLN C 96 -9.32 -7.83 17.65
CA GLN C 96 -8.88 -8.74 16.60
C GLN C 96 -7.50 -9.29 16.94
N VAL C 97 -6.61 -8.41 17.35
CA VAL C 97 -5.26 -8.82 17.75
C VAL C 97 -5.33 -9.77 18.93
N ILE C 98 -6.15 -9.45 19.92
CA ILE C 98 -6.30 -10.33 21.08
C ILE C 98 -6.79 -11.71 20.63
N LEU C 99 -7.82 -11.75 19.79
CA LEU C 99 -8.38 -13.02 19.37
C LEU C 99 -7.32 -13.85 18.63
N LEU C 100 -6.64 -13.23 17.67
CA LEU C 100 -5.69 -14.01 16.88
C LEU C 100 -4.56 -14.52 17.79
N ASN C 101 -4.04 -13.66 18.67
CA ASN C 101 -2.96 -14.08 19.55
C ASN C 101 -3.41 -15.17 20.50
N LYS C 102 -4.67 -15.16 20.92
CA LYS C 102 -5.20 -16.23 21.75
C LYS C 102 -5.03 -17.60 21.10
N HIS C 103 -5.13 -17.65 19.75
CA HIS C 103 -5.13 -18.94 19.06
C HIS C 103 -3.72 -19.31 18.57
N ILE C 104 -2.91 -18.32 18.24
CA ILE C 104 -1.58 -18.62 17.72
C ILE C 104 -0.74 -19.32 18.78
N ASP C 105 -0.29 -20.57 18.51
CA ASP C 105 0.58 -21.33 19.40
C ASP C 105 -0.10 -21.60 20.75
N ALA C 106 -1.43 -21.63 20.75
CA ALA C 106 -2.19 -21.93 21.96
C ALA C 106 -1.82 -23.32 22.46
N TYR C 107 -1.55 -24.25 21.52
CA TYR C 107 -1.27 -25.64 21.82
C TYR C 107 -0.12 -25.81 22.79
N LYS C 108 0.76 -24.83 22.91
CA LYS C 108 1.89 -24.96 23.82
C LYS C 108 1.46 -25.13 25.27
N THR C 109 0.23 -24.71 25.58
CA THR C 109 -0.23 -24.69 26.97
C THR C 109 -1.14 -25.85 27.34
N PHE C 110 -1.29 -26.86 26.50
CA PHE C 110 -2.08 -28.03 26.81
C PHE C 110 -1.53 -29.25 26.13
N PRO C 111 -1.81 -30.47 26.59
CA PRO C 111 -1.34 -31.68 25.93
C PRO C 111 -1.81 -31.74 24.47
N LYS D 3 -15.60 -1.81 0.08
CA LYS D 3 -15.80 -2.23 1.50
C LYS D 3 -14.96 -3.46 1.82
N LYS D 4 -14.91 -4.45 0.92
CA LYS D 4 -14.18 -5.68 1.20
C LYS D 4 -12.71 -5.36 1.46
N PRO D 5 -12.07 -5.94 2.50
CA PRO D 5 -10.62 -5.80 2.68
C PRO D 5 -9.96 -6.58 1.54
N ARG D 6 -8.65 -6.34 1.38
CA ARG D 6 -7.88 -6.84 0.24
C ARG D 6 -8.04 -8.35 0.12
N GLN D 7 -8.01 -9.05 1.26
CA GLN D 7 -8.04 -10.51 1.23
C GLN D 7 -9.39 -11.11 0.81
N LYS D 8 -10.47 -10.31 0.77
CA LYS D 8 -11.76 -10.79 0.34
C LYS D 8 -12.10 -10.34 -1.09
N ARG D 9 -11.16 -9.65 -1.74
CA ARG D 9 -11.39 -9.26 -3.13
C ARG D 9 -11.39 -10.47 -4.07
N THR D 10 -12.03 -10.30 -5.22
CA THR D 10 -12.14 -11.30 -6.27
C THR D 10 -11.81 -10.63 -7.60
N ALA D 11 -10.67 -11.01 -8.20
CA ALA D 11 -10.33 -10.50 -9.52
C ALA D 11 -11.19 -11.19 -10.58
N THR D 12 -11.59 -10.39 -11.59
CA THR D 12 -12.34 -10.86 -12.76
C THR D 12 -11.94 -9.94 -13.91
N LYS D 13 -12.48 -10.18 -15.12
CA LYS D 13 -12.22 -9.27 -16.22
C LYS D 13 -12.67 -7.86 -15.85
N ALA D 14 -13.70 -7.75 -15.01
CA ALA D 14 -14.17 -6.44 -14.57
C ALA D 14 -13.23 -5.79 -13.55
N TYR D 15 -12.36 -6.58 -12.87
CA TYR D 15 -11.51 -6.06 -11.81
C TYR D 15 -10.24 -6.90 -11.72
N ASN D 16 -9.13 -6.47 -12.34
CA ASN D 16 -8.08 -7.44 -12.66
C ASN D 16 -7.14 -7.66 -11.48
N VAL D 17 -6.20 -8.62 -11.66
CA VAL D 17 -5.32 -9.02 -10.58
C VAL D 17 -4.44 -7.85 -10.14
N THR D 18 -3.96 -7.04 -11.10
CA THR D 18 -3.14 -5.91 -10.77
C THR D 18 -3.92 -4.89 -9.93
N GLN D 19 -5.16 -4.64 -10.34
CA GLN D 19 -5.89 -3.61 -9.61
CA GLN D 19 -6.07 -3.69 -9.69
C GLN D 19 -6.35 -4.14 -8.26
N ALA D 20 -6.69 -5.43 -8.13
CA ALA D 20 -7.09 -6.00 -6.84
C ALA D 20 -5.91 -6.27 -5.91
N PHE D 21 -4.78 -6.79 -6.44
CA PHE D 21 -3.71 -7.35 -5.61
C PHE D 21 -2.31 -6.84 -5.94
N GLY D 22 -2.21 -5.87 -6.87
CA GLY D 22 -0.92 -5.26 -7.12
C GLY D 22 -0.14 -6.02 -8.20
N ARG D 23 0.85 -5.34 -8.76
CA ARG D 23 1.73 -5.92 -9.76
CA ARG D 23 1.63 -5.98 -9.81
C ARG D 23 2.35 -7.20 -9.20
N ARG D 24 2.55 -8.21 -10.08
CA ARG D 24 3.42 -9.33 -9.77
C ARG D 24 4.89 -8.89 -9.81
N GLY D 25 5.69 -9.53 -8.98
CA GLY D 25 7.12 -9.28 -9.00
C GLY D 25 7.87 -10.03 -7.91
N PRO D 26 9.16 -9.71 -7.74
CA PRO D 26 10.02 -10.49 -6.84
C PRO D 26 10.01 -10.17 -5.37
N GLU D 27 9.43 -9.03 -4.98
CA GLU D 27 9.53 -8.61 -3.59
C GLU D 27 8.60 -9.48 -2.72
N GLN D 28 9.01 -9.72 -1.47
CA GLN D 28 8.30 -10.66 -0.60
C GLN D 28 6.93 -10.11 -0.21
N THR D 29 6.73 -8.80 -0.32
CA THR D 29 5.43 -8.20 -0.03
C THR D 29 4.44 -8.26 -1.19
N GLN D 30 4.90 -8.62 -2.42
CA GLN D 30 4.01 -8.68 -3.57
C GLN D 30 3.79 -10.14 -3.98
N GLY D 31 2.71 -10.36 -4.72
CA GLY D 31 2.40 -11.65 -5.30
C GLY D 31 3.34 -11.94 -6.46
N ASN D 32 3.61 -13.23 -6.72
CA ASN D 32 4.41 -13.63 -7.88
C ASN D 32 3.62 -14.47 -8.88
N PHE D 33 2.34 -14.72 -8.65
CA PHE D 33 1.60 -15.67 -9.42
C PHE D 33 0.69 -15.03 -10.44
N GLY D 34 0.85 -15.51 -11.69
CA GLY D 34 -0.07 -15.23 -12.78
C GLY D 34 0.63 -14.72 -14.03
N ASP D 35 0.27 -15.34 -15.17
CA ASP D 35 0.72 -14.85 -16.45
C ASP D 35 -0.25 -13.77 -16.93
N GLN D 36 -0.04 -13.27 -18.17
CA GLN D 36 -0.81 -12.06 -18.54
C GLN D 36 -2.31 -12.32 -18.67
N GLU D 37 -2.72 -13.50 -19.14
CA GLU D 37 -4.12 -13.85 -19.29
C GLU D 37 -4.78 -13.95 -17.92
N LEU D 38 -4.16 -14.69 -16.97
CA LEU D 38 -4.79 -14.77 -15.66
C LEU D 38 -4.82 -13.39 -15.00
N ILE D 39 -3.79 -12.60 -15.20
CA ILE D 39 -3.79 -11.27 -14.60
C ILE D 39 -5.01 -10.49 -15.13
N ARG D 40 -5.31 -10.57 -16.44
N ARG D 40 -5.29 -10.59 -16.44
CA ARG D 40 -6.40 -9.79 -17.01
CA ARG D 40 -6.37 -9.85 -17.08
C ARG D 40 -7.77 -10.35 -16.61
C ARG D 40 -7.75 -10.35 -16.63
N GLN D 41 -7.88 -11.67 -16.48
CA GLN D 41 -9.17 -12.32 -16.44
C GLN D 41 -9.57 -12.70 -15.02
N GLY D 42 -8.57 -12.95 -14.16
CA GLY D 42 -8.89 -13.38 -12.82
C GLY D 42 -9.72 -14.66 -12.83
N THR D 43 -10.79 -14.72 -12.03
CA THR D 43 -11.58 -15.94 -11.93
C THR D 43 -12.37 -16.25 -13.20
N ASP D 44 -12.36 -15.35 -14.18
CA ASP D 44 -12.99 -15.65 -15.46
C ASP D 44 -12.06 -16.47 -16.36
N TYR D 45 -10.76 -16.56 -15.98
CA TYR D 45 -9.80 -17.38 -16.69
C TYR D 45 -10.30 -18.80 -16.81
N LYS D 46 -10.21 -19.35 -18.04
CA LYS D 46 -10.80 -20.64 -18.35
C LYS D 46 -10.33 -21.73 -17.39
N HIS D 47 -9.03 -21.69 -17.03
CA HIS D 47 -8.45 -22.76 -16.25
C HIS D 47 -8.43 -22.43 -14.77
N TRP D 48 -9.07 -21.34 -14.40
CA TRP D 48 -9.06 -20.87 -13.01
C TRP D 48 -9.45 -21.99 -12.05
N PRO D 49 -10.50 -22.81 -12.29
CA PRO D 49 -10.90 -23.77 -11.26
C PRO D 49 -9.83 -24.80 -10.91
N GLN D 50 -8.97 -25.15 -11.88
CA GLN D 50 -7.89 -26.09 -11.64
C GLN D 50 -6.76 -25.43 -10.84
N ILE D 51 -6.77 -24.11 -10.69
CA ILE D 51 -5.85 -23.39 -9.80
C ILE D 51 -6.51 -23.26 -8.42
N ALA D 52 -7.72 -22.73 -8.42
CA ALA D 52 -8.49 -22.50 -7.20
C ALA D 52 -8.71 -23.76 -6.36
N GLN D 53 -8.66 -24.96 -6.95
CA GLN D 53 -8.81 -26.18 -6.19
C GLN D 53 -7.74 -26.28 -5.10
N PHE D 54 -6.65 -25.52 -5.22
CA PHE D 54 -5.55 -25.59 -4.29
C PHE D 54 -5.65 -24.49 -3.25
N ALA D 55 -6.51 -23.52 -3.47
CA ALA D 55 -6.67 -22.45 -2.49
C ALA D 55 -7.43 -22.97 -1.29
N PRO D 56 -7.01 -22.63 -0.07
CA PRO D 56 -7.69 -23.18 1.10
C PRO D 56 -9.03 -22.55 1.42
N SER D 57 -9.93 -23.37 1.98
CA SER D 57 -11.09 -22.85 2.68
C SER D 57 -10.61 -22.04 3.87
N ALA D 58 -11.50 -21.23 4.44
CA ALA D 58 -11.15 -20.43 5.59
C ALA D 58 -10.71 -21.35 6.73
N SER D 59 -11.40 -22.49 6.88
CA SER D 59 -11.11 -23.43 7.95
C SER D 59 -9.74 -24.06 7.72
N ALA D 60 -9.44 -24.43 6.48
CA ALA D 60 -8.16 -25.01 6.11
C ALA D 60 -7.02 -23.99 6.19
N PHE D 61 -7.33 -22.75 5.85
CA PHE D 61 -6.31 -21.71 5.92
C PHE D 61 -5.79 -21.61 7.36
N PHE D 62 -6.71 -21.54 8.31
CA PHE D 62 -6.36 -21.46 9.73
C PHE D 62 -5.98 -22.83 10.32
N GLY D 63 -6.37 -23.94 9.67
CA GLY D 63 -6.10 -25.29 10.17
C GLY D 63 -4.76 -25.87 9.75
N MET D 64 -4.32 -25.55 8.53
CA MET D 64 -3.15 -26.13 7.90
C MET D 64 -1.94 -25.21 8.03
N SER D 65 -2.16 -23.90 8.11
CA SER D 65 -1.05 -22.97 7.96
C SER D 65 -0.28 -22.79 9.26
N ARG D 66 0.97 -22.33 9.14
CA ARG D 66 1.64 -21.72 10.28
C ARG D 66 1.30 -20.24 10.29
N ILE D 67 0.60 -19.82 11.36
CA ILE D 67 0.05 -18.49 11.49
C ILE D 67 0.90 -17.71 12.52
N GLY D 68 1.20 -16.46 12.20
CA GLY D 68 1.96 -15.60 13.10
C GLY D 68 1.41 -14.19 13.07
N MET D 69 1.86 -13.40 14.06
N MET D 69 1.86 -13.38 14.04
CA MET D 69 1.51 -12.00 14.15
CA MET D 69 1.46 -11.98 14.13
C MET D 69 2.83 -11.23 14.18
C MET D 69 2.75 -11.16 14.24
N GLU D 70 2.98 -10.27 13.27
CA GLU D 70 4.17 -9.42 13.26
C GLU D 70 3.74 -7.96 13.25
N VAL D 71 4.39 -7.18 14.11
CA VAL D 71 4.13 -5.77 14.19
C VAL D 71 5.41 -5.07 13.78
N THR D 72 5.30 -4.23 12.74
CA THR D 72 6.44 -3.52 12.21
C THR D 72 6.01 -2.08 12.04
N PRO D 73 6.96 -1.15 11.78
CA PRO D 73 6.57 0.23 11.49
C PRO D 73 5.52 0.38 10.39
N SER D 74 5.52 -0.51 9.39
CA SER D 74 4.62 -0.40 8.25
C SER D 74 3.27 -1.07 8.50
N GLY D 75 3.07 -1.77 9.63
CA GLY D 75 1.80 -2.44 9.78
C GLY D 75 1.80 -3.54 10.84
N THR D 76 0.60 -4.09 11.05
CA THR D 76 0.36 -5.24 11.87
C THR D 76 -0.15 -6.32 10.92
N TRP D 77 0.56 -7.46 10.90
CA TRP D 77 0.39 -8.46 9.88
C TRP D 77 0.09 -9.81 10.48
N LEU D 78 -0.89 -10.48 9.88
CA LEU D 78 -1.12 -11.88 10.16
C LEU D 78 -0.38 -12.68 9.09
N THR D 79 0.70 -13.31 9.48
CA THR D 79 1.57 -14.03 8.54
C THR D 79 1.05 -15.46 8.38
N TYR D 80 1.27 -16.05 7.21
CA TYR D 80 0.84 -17.43 6.98
C TYR D 80 1.82 -18.11 6.03
N THR D 81 2.01 -19.42 6.26
CA THR D 81 2.84 -20.26 5.43
CA THR D 81 2.83 -20.27 5.42
C THR D 81 2.30 -21.68 5.46
N GLY D 82 2.53 -22.42 4.37
CA GLY D 82 2.11 -23.79 4.29
C GLY D 82 2.51 -24.43 3.00
N ALA D 83 2.13 -25.69 2.85
CA ALA D 83 2.36 -26.44 1.62
C ALA D 83 1.19 -27.38 1.42
N ILE D 84 0.76 -27.50 0.17
CA ILE D 84 -0.40 -28.28 -0.20
C ILE D 84 0.04 -29.34 -1.19
N LYS D 85 -0.27 -30.62 -0.89
CA LYS D 85 0.22 -31.68 -1.73
C LYS D 85 -0.73 -31.90 -2.91
N LEU D 86 -0.17 -31.96 -4.11
CA LEU D 86 -0.95 -32.30 -5.30
C LEU D 86 -1.23 -33.81 -5.30
N ASP D 87 -2.36 -34.20 -5.89
CA ASP D 87 -2.72 -35.61 -5.95
C ASP D 87 -2.19 -36.18 -7.25
N ASP D 88 -1.12 -36.98 -7.19
CA ASP D 88 -0.48 -37.41 -8.41
C ASP D 88 -1.24 -38.57 -9.06
N LYS D 89 -2.33 -39.02 -8.43
CA LYS D 89 -3.22 -39.99 -9.08
C LYS D 89 -4.45 -39.31 -9.66
N ASP D 90 -4.55 -37.97 -9.60
CA ASP D 90 -5.57 -37.26 -10.37
C ASP D 90 -5.16 -37.36 -11.84
N PRO D 91 -6.08 -37.76 -12.76
CA PRO D 91 -5.72 -37.78 -14.18
C PRO D 91 -5.28 -36.43 -14.75
N ASN D 92 -5.66 -35.33 -14.08
CA ASN D 92 -5.31 -33.98 -14.48
C ASN D 92 -3.98 -33.53 -13.85
N PHE D 93 -3.28 -34.43 -13.15
CA PHE D 93 -2.09 -34.05 -12.39
C PHE D 93 -1.03 -33.40 -13.27
N LYS D 94 -0.66 -34.03 -14.39
CA LYS D 94 0.39 -33.47 -15.22
C LYS D 94 0.04 -32.06 -15.72
N ASP D 95 -1.23 -31.85 -16.13
CA ASP D 95 -1.65 -30.56 -16.63
C ASP D 95 -1.67 -29.53 -15.50
N GLN D 96 -1.99 -29.95 -14.29
CA GLN D 96 -2.00 -29.05 -13.15
C GLN D 96 -0.57 -28.57 -12.87
N VAL D 97 0.40 -29.49 -12.95
CA VAL D 97 1.77 -29.10 -12.66
C VAL D 97 2.22 -28.08 -13.71
N ILE D 98 1.94 -28.36 -14.99
CA ILE D 98 2.31 -27.44 -16.06
C ILE D 98 1.64 -26.08 -15.85
N LEU D 99 0.35 -26.11 -15.48
CA LEU D 99 -0.44 -24.89 -15.33
C LEU D 99 0.14 -24.03 -14.21
N LEU D 100 0.42 -24.64 -13.04
CA LEU D 100 0.93 -23.88 -11.93
C LEU D 100 2.29 -23.29 -12.26
N ASN D 101 3.10 -24.07 -12.98
CA ASN D 101 4.44 -23.59 -13.34
C ASN D 101 4.38 -22.44 -14.35
N LYS D 102 3.35 -22.47 -15.21
CA LYS D 102 3.16 -21.44 -16.20
C LYS D 102 2.92 -20.11 -15.51
N HIS D 103 2.20 -20.12 -14.36
CA HIS D 103 1.83 -18.89 -13.67
C HIS D 103 2.83 -18.44 -12.61
N ILE D 104 3.58 -19.37 -12.01
CA ILE D 104 4.56 -18.99 -11.00
C ILE D 104 5.70 -18.22 -11.64
N ASP D 105 5.89 -16.97 -11.20
CA ASP D 105 6.98 -16.14 -11.69
C ASP D 105 6.86 -15.87 -13.18
N ALA D 106 5.65 -15.98 -13.73
CA ALA D 106 5.40 -15.69 -15.16
C ALA D 106 5.90 -14.30 -15.54
N TYR D 107 5.84 -13.36 -14.61
CA TYR D 107 6.12 -11.96 -14.89
C TYR D 107 7.55 -11.80 -15.43
N LYS D 108 8.46 -12.74 -15.09
N LYS D 108 8.46 -12.73 -15.08
CA LYS D 108 9.85 -12.63 -15.50
CA LYS D 108 9.85 -12.62 -15.48
C LYS D 108 10.00 -12.64 -17.01
C LYS D 108 9.98 -12.61 -17.02
N THR D 109 9.00 -13.16 -17.74
CA THR D 109 9.09 -13.24 -19.20
C THR D 109 8.01 -12.44 -19.92
N PHE D 110 7.34 -11.52 -19.25
CA PHE D 110 6.43 -10.61 -19.93
C PHE D 110 7.23 -9.74 -20.90
N PRO D 111 6.79 -9.62 -22.18
CA PRO D 111 7.43 -8.71 -23.14
C PRO D 111 7.53 -7.27 -22.59
N LYS E 3 -23.29 22.49 -9.57
CA LYS E 3 -23.19 21.79 -10.88
C LYS E 3 -23.73 20.37 -10.73
N LYS E 4 -23.79 19.64 -11.84
CA LYS E 4 -24.56 18.41 -11.89
C LYS E 4 -23.81 17.29 -11.17
N PRO E 5 -24.55 16.34 -10.58
CA PRO E 5 -23.97 15.05 -10.20
C PRO E 5 -23.20 14.46 -11.38
N ARG E 6 -22.08 13.79 -11.09
CA ARG E 6 -21.18 13.34 -12.13
C ARG E 6 -21.94 12.48 -13.15
N GLN E 7 -22.81 11.58 -12.66
CA GLN E 7 -23.47 10.66 -13.57
C GLN E 7 -24.42 11.37 -14.55
N LYS E 8 -24.81 12.62 -14.27
CA LYS E 8 -25.74 13.35 -15.13
C LYS E 8 -25.03 14.34 -16.04
N ARG E 9 -23.70 14.41 -15.92
CA ARG E 9 -22.93 15.35 -16.74
C ARG E 9 -22.96 14.94 -18.20
N THR E 10 -22.84 15.95 -19.04
CA THR E 10 -22.68 15.81 -20.47
C THR E 10 -21.38 16.50 -20.87
N ALA E 11 -20.42 15.71 -21.39
CA ALA E 11 -19.15 16.24 -21.87
C ALA E 11 -19.38 16.88 -23.23
N THR E 12 -18.66 17.99 -23.48
CA THR E 12 -18.73 18.72 -24.74
C THR E 12 -17.38 19.43 -24.89
N LYS E 13 -17.23 20.19 -25.98
CA LYS E 13 -16.04 20.99 -26.21
C LYS E 13 -15.79 21.96 -25.06
N ALA E 14 -16.85 22.52 -24.47
CA ALA E 14 -16.69 23.48 -23.39
C ALA E 14 -16.45 22.81 -22.04
N TYR E 15 -16.81 21.53 -21.91
CA TYR E 15 -16.72 20.82 -20.64
C TYR E 15 -16.35 19.38 -20.95
N ASN E 16 -15.05 19.15 -21.17
CA ASN E 16 -14.60 17.95 -21.85
C ASN E 16 -14.60 16.76 -20.89
N VAL E 17 -14.17 15.63 -21.40
CA VAL E 17 -14.29 14.38 -20.65
C VAL E 17 -13.37 14.40 -19.43
N THR E 18 -12.20 15.05 -19.54
CA THR E 18 -11.26 15.11 -18.43
C THR E 18 -11.87 15.95 -17.32
N GLN E 19 -12.55 17.04 -17.70
CA GLN E 19 -13.07 18.00 -16.75
C GLN E 19 -14.28 17.41 -16.06
N ALA E 20 -15.08 16.67 -16.83
CA ALA E 20 -16.36 16.12 -16.35
C ALA E 20 -16.15 14.79 -15.62
N PHE E 21 -15.24 13.97 -16.14
CA PHE E 21 -15.15 12.58 -15.70
C PHE E 21 -13.75 12.15 -15.24
N GLY E 22 -12.76 13.07 -15.26
CA GLY E 22 -11.43 12.75 -14.75
C GLY E 22 -10.55 12.17 -15.85
N ARG E 23 -9.25 12.09 -15.57
CA ARG E 23 -8.29 11.54 -16.52
C ARG E 23 -8.62 10.06 -16.70
N ARG E 24 -8.39 9.60 -17.91
CA ARG E 24 -8.42 8.18 -18.21
C ARG E 24 -7.32 7.48 -17.40
N GLY E 25 -7.57 6.24 -16.98
CA GLY E 25 -6.63 5.50 -16.15
C GLY E 25 -7.11 4.08 -15.88
N PRO E 26 -6.28 3.25 -15.20
CA PRO E 26 -6.61 1.83 -15.03
C PRO E 26 -7.26 1.44 -13.71
N GLU E 27 -7.39 2.39 -12.78
CA GLU E 27 -7.89 2.07 -11.45
C GLU E 27 -9.41 1.87 -11.46
N GLN E 28 -9.90 1.26 -10.38
CA GLN E 28 -11.26 0.78 -10.28
C GLN E 28 -12.23 1.88 -10.72
N THR E 29 -12.10 3.11 -10.19
CA THR E 29 -13.07 4.17 -10.46
C THR E 29 -12.51 5.25 -11.40
N GLN E 30 -11.50 4.92 -12.22
CA GLN E 30 -11.15 5.73 -13.38
C GLN E 30 -11.79 5.18 -14.66
N GLY E 31 -12.23 6.12 -15.51
CA GLY E 31 -12.72 5.80 -16.85
C GLY E 31 -11.59 5.43 -17.78
N ASN E 32 -11.82 4.48 -18.70
CA ASN E 32 -10.76 4.06 -19.61
C ASN E 32 -11.11 4.34 -21.06
N PHE E 33 -12.23 5.06 -21.33
CA PHE E 33 -12.72 5.14 -22.70
C PHE E 33 -12.57 6.54 -23.28
N GLY E 34 -12.04 6.57 -24.50
CA GLY E 34 -11.89 7.78 -25.29
C GLY E 34 -10.45 8.02 -25.77
N ASP E 35 -10.33 8.23 -27.06
CA ASP E 35 -9.08 8.72 -27.62
C ASP E 35 -9.00 10.24 -27.43
N GLN E 36 -7.93 10.88 -27.90
CA GLN E 36 -7.74 12.30 -27.61
C GLN E 36 -8.89 13.15 -28.15
N GLU E 37 -9.39 12.77 -29.33
CA GLU E 37 -10.46 13.50 -29.97
C GLU E 37 -11.77 13.44 -29.18
N LEU E 38 -12.19 12.25 -28.76
CA LEU E 38 -13.43 12.15 -27.99
C LEU E 38 -13.25 12.83 -26.63
N ILE E 39 -12.05 12.69 -26.03
CA ILE E 39 -11.82 13.33 -24.75
C ILE E 39 -12.06 14.84 -24.89
N ARG E 40 -11.53 15.43 -25.98
N ARG E 40 -11.55 15.39 -26.00
CA ARG E 40 -11.61 16.88 -26.14
CA ARG E 40 -11.56 16.82 -26.25
C ARG E 40 -13.03 17.34 -26.46
C ARG E 40 -12.98 17.33 -26.50
N GLN E 41 -13.79 16.54 -27.21
CA GLN E 41 -15.06 16.98 -27.77
C GLN E 41 -16.30 16.43 -27.06
N GLY E 42 -16.17 15.30 -26.35
CA GLY E 42 -17.35 14.69 -25.74
C GLY E 42 -18.49 14.45 -26.74
N THR E 43 -19.71 14.88 -26.39
CA THR E 43 -20.89 14.66 -27.21
C THR E 43 -20.84 15.43 -28.55
N ASP E 44 -19.88 16.34 -28.69
CA ASP E 44 -19.69 17.02 -29.97
C ASP E 44 -18.86 16.19 -30.95
N TYR E 45 -18.26 15.09 -30.47
CA TYR E 45 -17.52 14.18 -31.35
C TYR E 45 -18.37 13.73 -32.53
N LYS E 46 -17.76 13.62 -33.71
CA LYS E 46 -18.50 13.41 -34.95
C LYS E 46 -19.26 12.09 -34.90
N HIS E 47 -18.67 11.07 -34.26
CA HIS E 47 -19.27 9.75 -34.21
C HIS E 47 -19.89 9.47 -32.85
N TRP E 48 -20.26 10.53 -32.12
CA TRP E 48 -20.89 10.35 -30.82
C TRP E 48 -22.16 9.51 -30.93
N PRO E 49 -23.12 9.77 -31.87
CA PRO E 49 -24.32 8.92 -31.97
C PRO E 49 -24.07 7.42 -32.09
N GLN E 50 -23.01 7.07 -32.82
CA GLN E 50 -22.66 5.67 -33.03
C GLN E 50 -22.15 5.02 -31.74
N ILE E 51 -21.62 5.81 -30.80
CA ILE E 51 -21.19 5.32 -29.50
C ILE E 51 -22.40 5.30 -28.56
N ALA E 52 -23.17 6.39 -28.57
CA ALA E 52 -24.31 6.55 -27.68
C ALA E 52 -25.34 5.45 -27.85
N GLN E 53 -25.37 4.78 -28.99
CA GLN E 53 -26.39 3.78 -29.22
C GLN E 53 -26.16 2.56 -28.36
N PHE E 54 -24.99 2.49 -27.72
CA PHE E 54 -24.70 1.36 -26.83
C PHE E 54 -24.94 1.75 -25.38
N ALA E 55 -25.17 3.04 -25.09
CA ALA E 55 -25.37 3.46 -23.71
C ALA E 55 -26.79 3.05 -23.29
N PRO E 56 -26.95 2.53 -22.07
CA PRO E 56 -28.28 2.15 -21.60
C PRO E 56 -29.20 3.28 -21.18
N SER E 57 -30.52 3.07 -21.43
CA SER E 57 -31.59 3.82 -20.80
C SER E 57 -31.48 3.63 -19.30
N ALA E 58 -32.06 4.55 -18.53
CA ALA E 58 -32.07 4.42 -17.09
C ALA E 58 -32.67 3.06 -16.72
N SER E 59 -33.77 2.70 -17.39
CA SER E 59 -34.44 1.44 -17.10
C SER E 59 -33.50 0.26 -17.38
N ALA E 60 -32.82 0.26 -18.53
CA ALA E 60 -31.94 -0.85 -18.87
C ALA E 60 -30.69 -0.87 -17.97
N PHE E 61 -30.21 0.31 -17.57
CA PHE E 61 -29.07 0.39 -16.66
C PHE E 61 -29.38 -0.40 -15.38
N PHE E 62 -30.54 -0.12 -14.77
CA PHE E 62 -30.98 -0.81 -13.57
C PHE E 62 -31.51 -2.21 -13.84
N GLY E 63 -31.91 -2.53 -15.08
CA GLY E 63 -32.48 -3.84 -15.40
C GLY E 63 -31.46 -4.89 -15.78
N MET E 64 -30.41 -4.47 -16.53
N MET E 64 -30.41 -4.47 -16.51
CA MET E 64 -29.44 -5.36 -17.11
CA MET E 64 -29.43 -5.36 -17.11
C MET E 64 -28.25 -5.58 -16.17
C MET E 64 -28.27 -5.59 -16.15
N SER E 65 -27.95 -4.57 -15.33
CA SER E 65 -26.68 -4.55 -14.60
C SER E 65 -26.76 -5.36 -13.32
N ARG E 66 -25.57 -5.76 -12.84
CA ARG E 66 -25.45 -6.20 -11.47
C ARG E 66 -25.10 -4.97 -10.67
N ILE E 67 -25.99 -4.61 -9.76
CA ILE E 67 -25.87 -3.41 -8.94
C ILE E 67 -25.40 -3.81 -7.55
N GLY E 68 -24.53 -2.97 -6.96
CA GLY E 68 -24.15 -3.17 -5.57
C GLY E 68 -24.00 -1.83 -4.86
N MET E 69 -23.81 -1.89 -3.53
N MET E 69 -23.79 -1.88 -3.53
CA MET E 69 -23.59 -0.70 -2.71
CA MET E 69 -23.55 -0.70 -2.74
C MET E 69 -22.37 -0.95 -1.82
C MET E 69 -22.35 -0.98 -1.85
N GLU E 70 -21.36 -0.07 -1.88
CA GLU E 70 -20.14 -0.23 -1.09
C GLU E 70 -19.95 1.02 -0.22
N VAL E 71 -19.78 0.82 1.09
CA VAL E 71 -19.52 1.90 2.05
C VAL E 71 -18.02 1.87 2.32
N THR E 72 -17.34 3.01 2.12
CA THR E 72 -15.91 3.12 2.32
C THR E 72 -15.64 4.36 3.14
N PRO E 73 -14.39 4.62 3.60
CA PRO E 73 -14.07 5.89 4.25
C PRO E 73 -14.50 7.14 3.50
N SER E 74 -14.49 7.11 2.15
CA SER E 74 -14.76 8.29 1.36
C SER E 74 -16.26 8.49 1.15
N GLY E 75 -17.06 7.47 1.42
CA GLY E 75 -18.51 7.59 1.29
C GLY E 75 -19.17 6.30 0.82
N THR E 76 -20.37 6.45 0.27
CA THR E 76 -21.18 5.34 -0.17
C THR E 76 -21.25 5.36 -1.70
N TRP E 77 -21.00 4.22 -2.32
CA TRP E 77 -20.87 4.11 -3.75
C TRP E 77 -21.83 3.06 -4.34
N LEU E 78 -22.52 3.40 -5.44
CA LEU E 78 -23.34 2.46 -6.20
CA LEU E 78 -23.32 2.46 -6.20
C LEU E 78 -22.47 1.83 -7.30
N THR E 79 -22.33 0.50 -7.28
CA THR E 79 -21.51 -0.19 -8.25
C THR E 79 -22.38 -0.84 -9.33
N TYR E 80 -21.86 -0.88 -10.54
CA TYR E 80 -22.53 -1.48 -11.68
C TYR E 80 -21.56 -2.23 -12.57
N THR E 81 -22.06 -3.35 -13.12
CA THR E 81 -21.35 -4.14 -14.09
CA THR E 81 -21.35 -4.16 -14.09
C THR E 81 -22.37 -4.85 -14.99
N GLY E 82 -21.98 -5.10 -16.23
CA GLY E 82 -22.84 -5.78 -17.17
C GLY E 82 -22.17 -5.95 -18.51
N ALA E 83 -22.91 -6.50 -19.45
CA ALA E 83 -22.43 -6.62 -20.82
C ALA E 83 -23.61 -6.41 -21.76
N ILE E 84 -23.31 -5.87 -22.95
CA ILE E 84 -24.31 -5.52 -23.95
C ILE E 84 -23.89 -6.19 -25.23
N LYS E 85 -24.77 -7.04 -25.77
CA LYS E 85 -24.47 -7.77 -26.99
C LYS E 85 -24.63 -6.84 -28.19
N LEU E 86 -23.61 -6.78 -29.05
CA LEU E 86 -23.75 -6.11 -30.33
C LEU E 86 -24.57 -7.03 -31.24
N ASP E 87 -25.39 -6.41 -32.11
CA ASP E 87 -26.23 -7.16 -33.03
C ASP E 87 -25.45 -7.44 -34.31
N ASP E 88 -25.12 -8.70 -34.57
CA ASP E 88 -24.30 -9.02 -35.73
C ASP E 88 -25.15 -9.13 -37.00
N LYS E 89 -26.46 -8.85 -36.91
CA LYS E 89 -27.27 -8.67 -38.11
C LYS E 89 -27.27 -7.22 -38.56
N ASP E 90 -26.89 -6.28 -37.70
CA ASP E 90 -26.75 -4.90 -38.11
C ASP E 90 -25.71 -4.81 -39.23
N PRO E 91 -26.00 -4.12 -40.37
CA PRO E 91 -24.97 -3.87 -41.39
C PRO E 91 -23.73 -3.10 -40.94
N ASN E 92 -23.83 -2.31 -39.86
CA ASN E 92 -22.71 -1.51 -39.40
C ASN E 92 -21.92 -2.20 -38.28
N PHE E 93 -22.21 -3.49 -38.06
CA PHE E 93 -21.59 -4.24 -36.97
C PHE E 93 -20.07 -4.05 -36.96
N LYS E 94 -19.42 -4.35 -38.09
CA LYS E 94 -17.96 -4.27 -38.17
C LYS E 94 -17.44 -2.89 -37.77
N ASP E 95 -18.13 -1.83 -38.24
CA ASP E 95 -17.71 -0.47 -38.03
C ASP E 95 -17.90 -0.08 -36.56
N GLN E 96 -18.95 -0.64 -35.92
CA GLN E 96 -19.22 -0.41 -34.51
C GLN E 96 -18.09 -0.96 -33.65
N VAL E 97 -17.64 -2.17 -34.00
CA VAL E 97 -16.56 -2.84 -33.30
C VAL E 97 -15.26 -2.04 -33.45
N ILE E 98 -14.97 -1.56 -34.67
CA ILE E 98 -13.79 -0.76 -34.96
C ILE E 98 -13.83 0.54 -34.13
N LEU E 99 -15.00 1.18 -34.05
CA LEU E 99 -15.15 2.46 -33.35
C LEU E 99 -14.99 2.27 -31.85
N LEU E 100 -15.67 1.27 -31.26
CA LEU E 100 -15.53 1.04 -29.84
C LEU E 100 -14.10 0.68 -29.47
N ASN E 101 -13.45 -0.18 -30.28
CA ASN E 101 -12.09 -0.60 -30.00
C ASN E 101 -11.13 0.59 -30.02
N LYS E 102 -11.39 1.56 -30.89
CA LYS E 102 -10.53 2.72 -31.08
C LYS E 102 -10.45 3.53 -29.79
N HIS E 103 -11.56 3.57 -29.05
CA HIS E 103 -11.65 4.36 -27.83
C HIS E 103 -11.23 3.57 -26.58
N ILE E 104 -11.41 2.25 -26.56
CA ILE E 104 -11.07 1.48 -25.37
C ILE E 104 -9.57 1.51 -25.13
N ASP E 105 -9.15 2.09 -23.99
CA ASP E 105 -7.78 2.05 -23.52
C ASP E 105 -6.87 2.86 -24.46
N ALA E 106 -7.46 3.80 -25.21
CA ALA E 106 -6.69 4.67 -26.08
C ALA E 106 -5.64 5.45 -25.30
N TYR E 107 -5.90 5.74 -24.01
CA TYR E 107 -5.00 6.56 -23.20
C TYR E 107 -3.65 5.87 -23.01
N LYS E 108 -3.59 4.53 -23.20
CA LYS E 108 -2.33 3.80 -23.09
C LYS E 108 -1.41 4.03 -24.29
N THR E 109 -1.91 4.67 -25.36
CA THR E 109 -1.10 4.94 -26.54
C THR E 109 -0.81 6.44 -26.71
N PHE E 110 -1.17 7.26 -25.71
CA PHE E 110 -0.90 8.69 -25.76
C PHE E 110 0.59 8.93 -25.48
N LYS F 3 -37.89 -4.33 -32.84
CA LYS F 3 -37.38 -4.97 -31.60
C LYS F 3 -36.17 -4.17 -31.11
N LYS F 4 -36.36 -3.49 -29.99
CA LYS F 4 -35.42 -2.50 -29.53
C LYS F 4 -34.20 -3.25 -29.01
N PRO F 5 -32.96 -2.76 -29.24
CA PRO F 5 -31.81 -3.37 -28.57
C PRO F 5 -32.11 -3.30 -27.09
N ARG F 6 -31.66 -4.32 -26.36
N ARG F 6 -31.64 -4.33 -26.36
CA ARG F 6 -31.96 -4.44 -24.94
CA ARG F 6 -31.89 -4.50 -24.93
C ARG F 6 -31.58 -3.18 -24.18
C ARG F 6 -31.53 -3.25 -24.15
N GLN F 7 -30.43 -2.58 -24.50
CA GLN F 7 -29.95 -1.46 -23.71
C GLN F 7 -30.81 -0.22 -23.88
N LYS F 8 -31.68 -0.19 -24.90
CA LYS F 8 -32.53 0.96 -25.14
C LYS F 8 -33.96 0.72 -24.67
N ARG F 9 -34.28 -0.48 -24.16
CA ARG F 9 -35.63 -0.79 -23.71
C ARG F 9 -36.00 -0.03 -22.44
N THR F 10 -37.32 0.21 -22.26
CA THR F 10 -37.88 0.86 -21.10
C THR F 10 -38.93 -0.10 -20.55
N ALA F 11 -38.71 -0.57 -19.32
CA ALA F 11 -39.69 -1.41 -18.66
C ALA F 11 -40.84 -0.52 -18.21
N THR F 12 -42.06 -1.08 -18.34
CA THR F 12 -43.30 -0.51 -17.85
C THR F 12 -44.18 -1.66 -17.38
N LYS F 13 -45.36 -1.33 -16.84
CA LYS F 13 -46.25 -2.42 -16.44
C LYS F 13 -46.52 -3.41 -17.57
N ALA F 14 -46.66 -2.95 -18.82
CA ALA F 14 -47.02 -3.81 -19.95
C ALA F 14 -45.84 -4.62 -20.47
N TYR F 15 -44.60 -4.19 -20.14
CA TYR F 15 -43.41 -4.86 -20.63
C TYR F 15 -42.37 -4.70 -19.53
N ASN F 16 -42.43 -5.59 -18.52
CA ASN F 16 -41.91 -5.26 -17.21
C ASN F 16 -40.42 -5.62 -17.15
N VAL F 17 -39.82 -5.58 -15.95
CA VAL F 17 -38.38 -5.77 -15.86
C VAL F 17 -37.98 -7.18 -16.31
N THR F 18 -38.78 -8.19 -15.94
CA THR F 18 -38.51 -9.57 -16.33
C THR F 18 -38.57 -9.73 -17.85
N GLN F 19 -39.62 -9.15 -18.44
CA GLN F 19 -39.85 -9.27 -19.87
C GLN F 19 -38.77 -8.54 -20.67
N ALA F 20 -38.37 -7.34 -20.24
CA ALA F 20 -37.41 -6.55 -20.99
C ALA F 20 -35.98 -7.03 -20.73
N PHE F 21 -35.70 -7.45 -19.49
CA PHE F 21 -34.31 -7.59 -19.04
C PHE F 21 -34.01 -8.95 -18.43
N GLY F 22 -34.99 -9.87 -18.44
CA GLY F 22 -34.78 -11.20 -17.92
C GLY F 22 -35.08 -11.32 -16.43
N ARG F 23 -35.33 -12.54 -15.97
CA ARG F 23 -35.53 -12.78 -14.55
C ARG F 23 -34.27 -12.36 -13.79
N ARG F 24 -34.51 -11.71 -12.65
CA ARG F 24 -33.43 -11.39 -11.72
C ARG F 24 -32.73 -12.68 -11.33
N GLY F 25 -31.41 -12.58 -11.11
CA GLY F 25 -30.66 -13.73 -10.66
C GLY F 25 -29.20 -13.37 -10.43
N PRO F 26 -28.37 -14.37 -10.09
CA PRO F 26 -27.00 -14.13 -9.62
C PRO F 26 -25.86 -14.19 -10.64
N GLU F 27 -26.15 -14.73 -11.84
CA GLU F 27 -25.11 -14.95 -12.84
C GLU F 27 -24.65 -13.64 -13.43
N GLN F 28 -23.47 -13.68 -14.08
CA GLN F 28 -22.80 -12.46 -14.49
C GLN F 28 -23.67 -11.62 -15.40
N THR F 29 -24.36 -12.24 -16.35
CA THR F 29 -25.08 -11.48 -17.36
C THR F 29 -26.51 -11.14 -16.90
N GLN F 30 -26.91 -11.60 -15.71
CA GLN F 30 -28.27 -11.41 -15.22
C GLN F 30 -28.33 -10.17 -14.34
N GLY F 31 -29.47 -9.47 -14.39
CA GLY F 31 -29.72 -8.34 -13.52
C GLY F 31 -30.10 -8.84 -12.13
N ASN F 32 -29.68 -8.10 -11.09
CA ASN F 32 -30.03 -8.47 -9.73
C ASN F 32 -30.89 -7.40 -9.04
N PHE F 33 -31.34 -6.37 -9.73
CA PHE F 33 -31.97 -5.24 -9.08
C PHE F 33 -33.47 -5.24 -9.29
N GLY F 34 -34.19 -5.11 -8.17
CA GLY F 34 -35.61 -4.84 -8.15
C GLY F 34 -36.35 -5.76 -7.20
N ASP F 35 -37.16 -5.16 -6.33
CA ASP F 35 -38.12 -5.93 -5.55
C ASP F 35 -39.32 -6.28 -6.44
N GLN F 36 -40.32 -6.93 -5.82
CA GLN F 36 -41.48 -7.40 -6.58
C GLN F 36 -42.23 -6.27 -7.28
N GLU F 37 -42.39 -5.15 -6.58
CA GLU F 37 -43.12 -3.99 -7.09
C GLU F 37 -42.37 -3.36 -8.26
N LEU F 38 -41.05 -3.15 -8.14
CA LEU F 38 -40.33 -2.56 -9.25
C LEU F 38 -40.26 -3.52 -10.43
N ILE F 39 -40.09 -4.81 -10.19
CA ILE F 39 -40.02 -5.76 -11.28
C ILE F 39 -41.31 -5.69 -12.09
N ARG F 40 -42.44 -5.57 -11.39
CA ARG F 40 -43.75 -5.57 -12.05
C ARG F 40 -44.04 -4.26 -12.78
N GLN F 41 -43.47 -3.13 -12.34
CA GLN F 41 -43.93 -1.83 -12.80
C GLN F 41 -42.87 -1.14 -13.65
N GLY F 42 -41.58 -1.45 -13.46
CA GLY F 42 -40.58 -0.75 -14.26
C GLY F 42 -40.62 0.75 -13.97
N THR F 43 -40.57 1.56 -15.02
CA THR F 43 -40.58 3.01 -14.86
C THR F 43 -41.93 3.54 -14.42
N ASP F 44 -42.97 2.67 -14.31
CA ASP F 44 -44.20 3.09 -13.67
C ASP F 44 -44.11 3.00 -12.14
N TYR F 45 -43.02 2.43 -11.61
CA TYR F 45 -42.81 2.32 -10.18
C TYR F 45 -42.89 3.69 -9.53
N LYS F 46 -43.49 3.74 -8.34
CA LYS F 46 -43.77 5.01 -7.68
C LYS F 46 -42.49 5.78 -7.32
N HIS F 47 -41.36 5.10 -7.11
CA HIS F 47 -40.11 5.74 -6.73
C HIS F 47 -39.08 5.62 -7.85
N TRP F 48 -39.56 5.48 -9.09
CA TRP F 48 -38.65 5.32 -10.20
C TRP F 48 -37.78 6.55 -10.35
N PRO F 49 -38.30 7.79 -10.22
CA PRO F 49 -37.44 8.96 -10.35
C PRO F 49 -36.27 8.93 -9.38
N GLN F 50 -36.51 8.48 -8.14
CA GLN F 50 -35.45 8.50 -7.14
C GLN F 50 -34.36 7.49 -7.49
N ILE F 51 -34.70 6.45 -8.25
CA ILE F 51 -33.72 5.49 -8.70
C ILE F 51 -33.00 6.06 -9.92
N ALA F 52 -33.78 6.62 -10.85
CA ALA F 52 -33.28 7.10 -12.14
C ALA F 52 -32.24 8.21 -11.99
N GLN F 53 -32.27 8.94 -10.86
CA GLN F 53 -31.32 10.04 -10.64
C GLN F 53 -29.89 9.50 -10.58
N PHE F 54 -29.74 8.19 -10.43
CA PHE F 54 -28.42 7.60 -10.32
C PHE F 54 -27.98 6.99 -11.64
N ALA F 55 -28.91 6.86 -12.61
CA ALA F 55 -28.59 6.28 -13.89
C ALA F 55 -27.78 7.29 -14.69
N PRO F 56 -26.73 6.85 -15.39
CA PRO F 56 -25.85 7.78 -16.10
C PRO F 56 -26.40 8.23 -17.45
N SER F 57 -26.14 9.50 -17.77
CA SER F 57 -26.29 9.96 -19.13
C SER F 57 -25.42 9.08 -20.01
N ALA F 58 -25.66 9.11 -21.31
CA ALA F 58 -24.81 8.38 -22.23
C ALA F 58 -23.36 8.86 -22.14
N SER F 59 -23.15 10.18 -21.97
CA SER F 59 -21.80 10.72 -21.90
C SER F 59 -21.09 10.23 -20.65
N ALA F 60 -21.80 10.18 -19.51
CA ALA F 60 -21.22 9.74 -18.26
C ALA F 60 -21.00 8.21 -18.27
N PHE F 61 -21.89 7.47 -18.93
CA PHE F 61 -21.71 6.03 -19.06
C PHE F 61 -20.38 5.73 -19.73
N PHE F 62 -20.09 6.40 -20.86
CA PHE F 62 -18.82 6.19 -21.53
C PHE F 62 -17.68 7.01 -20.91
N GLY F 63 -17.96 8.04 -20.13
CA GLY F 63 -16.92 8.81 -19.47
C GLY F 63 -16.44 8.18 -18.17
N MET F 64 -17.34 7.51 -17.43
CA MET F 64 -17.05 7.09 -16.07
C MET F 64 -16.62 5.63 -16.04
N SER F 65 -17.17 4.84 -16.96
CA SER F 65 -17.11 3.39 -16.86
C SER F 65 -15.77 2.86 -17.35
N ARG F 66 -15.48 1.63 -16.92
CA ARG F 66 -14.43 0.86 -17.56
C ARG F 66 -15.08 -0.02 -18.62
N ILE F 67 -14.74 0.23 -19.88
CA ILE F 67 -15.35 -0.37 -21.03
C ILE F 67 -14.40 -1.41 -21.59
N GLY F 68 -14.98 -2.55 -22.03
CA GLY F 68 -14.24 -3.60 -22.68
C GLY F 68 -15.05 -4.24 -23.79
N MET F 69 -14.38 -5.08 -24.59
N MET F 69 -14.41 -5.16 -24.55
CA MET F 69 -15.04 -5.89 -25.60
CA MET F 69 -15.08 -5.87 -25.64
C MET F 69 -14.64 -7.34 -25.40
C MET F 69 -14.63 -7.33 -25.70
N GLU F 70 -15.60 -8.26 -25.59
CA GLU F 70 -15.31 -9.68 -25.51
C GLU F 70 -15.98 -10.38 -26.67
N VAL F 71 -15.18 -11.17 -27.39
CA VAL F 71 -15.66 -11.96 -28.51
C VAL F 71 -15.76 -13.41 -28.03
N THR F 72 -16.94 -14.03 -28.17
CA THR F 72 -17.22 -15.36 -27.65
C THR F 72 -18.11 -16.11 -28.65
N PRO F 73 -18.39 -17.42 -28.44
CA PRO F 73 -19.23 -18.16 -29.37
C PRO F 73 -20.62 -17.55 -29.51
N SER F 74 -21.08 -16.78 -28.51
CA SER F 74 -22.40 -16.18 -28.57
C SER F 74 -22.42 -14.85 -29.32
N GLY F 75 -21.24 -14.25 -29.56
CA GLY F 75 -21.15 -12.98 -30.28
C GLY F 75 -20.12 -12.02 -29.70
N THR F 76 -20.23 -10.75 -30.06
CA THR F 76 -19.39 -9.70 -29.52
C THR F 76 -20.16 -8.89 -28.49
N TRP F 77 -19.54 -8.73 -27.33
CA TRP F 77 -20.15 -8.10 -26.18
C TRP F 77 -19.36 -6.88 -25.72
N LEU F 78 -20.05 -5.76 -25.49
CA LEU F 78 -19.45 -4.58 -24.88
C LEU F 78 -19.64 -4.70 -23.38
N THR F 79 -18.55 -4.82 -22.65
CA THR F 79 -18.60 -4.95 -21.20
C THR F 79 -18.45 -3.60 -20.52
N TYR F 80 -19.04 -3.44 -19.33
CA TYR F 80 -18.92 -2.20 -18.58
C TYR F 80 -18.91 -2.44 -17.09
N THR F 81 -18.19 -1.56 -16.38
N THR F 81 -18.08 -1.66 -16.36
CA THR F 81 -18.12 -1.63 -14.93
CA THR F 81 -18.08 -1.64 -14.91
C THR F 81 -17.78 -0.25 -14.40
C THR F 81 -17.84 -0.21 -14.45
N GLY F 82 -18.43 0.16 -13.32
CA GLY F 82 -18.17 1.48 -12.75
C GLY F 82 -18.79 1.64 -11.38
N ALA F 83 -18.74 2.88 -10.89
CA ALA F 83 -19.23 3.20 -9.56
C ALA F 83 -19.63 4.66 -9.58
N ILE F 84 -20.70 4.93 -8.84
CA ILE F 84 -21.26 6.26 -8.70
C ILE F 84 -21.35 6.59 -7.23
N LYS F 85 -20.67 7.67 -6.82
CA LYS F 85 -20.69 8.09 -5.43
C LYS F 85 -22.02 8.79 -5.15
N LEU F 86 -22.70 8.40 -4.05
CA LEU F 86 -23.86 9.12 -3.55
C LEU F 86 -23.34 10.37 -2.84
N ASP F 87 -24.16 11.43 -2.91
CA ASP F 87 -23.82 12.73 -2.40
C ASP F 87 -24.21 12.81 -0.92
N ASP F 88 -23.24 12.65 -0.02
CA ASP F 88 -23.56 12.58 1.39
C ASP F 88 -24.05 13.93 1.92
N LYS F 89 -23.95 15.00 1.10
CA LYS F 89 -24.50 16.31 1.48
C LYS F 89 -25.95 16.48 1.03
N ASP F 90 -26.45 15.62 0.14
CA ASP F 90 -27.85 15.61 -0.27
C ASP F 90 -28.68 15.26 0.95
N PRO F 91 -29.71 16.05 1.34
CA PRO F 91 -30.52 15.71 2.51
C PRO F 91 -31.29 14.40 2.34
N ASN F 92 -31.49 13.96 1.10
CA ASN F 92 -32.15 12.68 0.85
C ASN F 92 -31.19 11.47 0.89
N PHE F 93 -29.90 11.69 1.22
CA PHE F 93 -28.90 10.63 1.17
C PHE F 93 -29.40 9.38 1.89
N LYS F 94 -29.89 9.48 3.12
CA LYS F 94 -30.20 8.26 3.85
C LYS F 94 -31.35 7.53 3.18
N ASP F 95 -32.30 8.25 2.57
CA ASP F 95 -33.45 7.64 1.92
C ASP F 95 -33.02 6.98 0.60
N GLN F 96 -32.01 7.57 -0.06
CA GLN F 96 -31.48 7.01 -1.31
C GLN F 96 -30.79 5.68 -1.05
N VAL F 97 -30.04 5.59 0.05
CA VAL F 97 -29.34 4.38 0.43
C VAL F 97 -30.38 3.29 0.69
N ILE F 98 -31.39 3.63 1.49
CA ILE F 98 -32.43 2.69 1.84
C ILE F 98 -33.12 2.16 0.59
N LEU F 99 -33.41 3.06 -0.36
CA LEU F 99 -34.17 2.68 -1.55
C LEU F 99 -33.32 1.77 -2.42
N LEU F 100 -32.05 2.13 -2.64
CA LEU F 100 -31.21 1.27 -3.46
C LEU F 100 -31.06 -0.09 -2.80
N ASN F 101 -30.85 -0.12 -1.49
CA ASN F 101 -30.62 -1.39 -0.81
C ASN F 101 -31.89 -2.24 -0.84
N LYS F 102 -33.05 -1.58 -0.89
CA LYS F 102 -34.33 -2.29 -0.89
C LYS F 102 -34.45 -3.14 -2.16
N HIS F 103 -33.78 -2.71 -3.24
CA HIS F 103 -33.91 -3.36 -4.53
C HIS F 103 -32.73 -4.27 -4.88
N ILE F 104 -31.53 -4.01 -4.35
CA ILE F 104 -30.40 -4.87 -4.65
C ILE F 104 -30.61 -6.25 -4.06
N ASP F 105 -30.60 -7.27 -4.92
CA ASP F 105 -30.70 -8.66 -4.53
C ASP F 105 -32.01 -8.98 -3.82
N ALA F 106 -33.02 -8.14 -4.01
CA ALA F 106 -34.32 -8.38 -3.37
C ALA F 106 -34.91 -9.73 -3.81
N TYR F 107 -34.65 -10.15 -5.05
CA TYR F 107 -35.15 -11.42 -5.61
C TYR F 107 -34.78 -12.64 -4.79
N LYS F 108 -33.74 -12.56 -3.94
CA LYS F 108 -33.34 -13.68 -3.11
C LYS F 108 -34.42 -14.03 -2.09
N THR F 109 -35.31 -13.08 -1.77
CA THR F 109 -36.27 -13.25 -0.69
C THR F 109 -37.67 -13.57 -1.17
N PHE F 110 -37.87 -13.82 -2.47
CA PHE F 110 -39.17 -14.18 -2.98
C PHE F 110 -39.04 -15.11 -4.16
N PRO F 111 -40.09 -15.87 -4.49
CA PRO F 111 -40.04 -16.76 -5.63
C PRO F 111 -39.79 -15.98 -6.94
N LYS G 3 7.95 -12.56 28.66
CA LYS G 3 7.63 -11.63 29.77
C LYS G 3 8.26 -10.26 29.49
N LYS G 4 9.59 -10.25 29.34
CA LYS G 4 10.35 -9.02 29.38
C LYS G 4 10.21 -8.25 28.06
N PRO G 5 10.33 -6.89 28.10
CA PRO G 5 10.45 -6.10 26.88
C PRO G 5 11.57 -6.72 26.05
N ARG G 6 11.38 -6.70 24.74
CA ARG G 6 12.31 -7.37 23.83
C ARG G 6 13.74 -6.92 24.09
N GLN G 7 13.93 -5.61 24.29
CA GLN G 7 15.28 -5.10 24.41
C GLN G 7 15.99 -5.51 25.70
N LYS G 8 15.28 -6.10 26.68
CA LYS G 8 15.91 -6.50 27.92
C LYS G 8 16.11 -8.00 28.02
N ARG G 9 15.76 -8.71 26.95
CA ARG G 9 15.83 -10.17 27.02
C ARG G 9 17.27 -10.61 26.94
N THR G 10 17.55 -11.78 27.54
CA THR G 10 18.83 -12.44 27.44
C THR G 10 18.62 -13.82 26.82
N ALA G 11 19.19 -14.05 25.63
CA ALA G 11 19.18 -15.37 25.00
C ALA G 11 20.17 -16.30 25.70
N THR G 12 19.73 -17.56 25.83
CA THR G 12 20.49 -18.67 26.39
C THR G 12 20.09 -19.95 25.65
N LYS G 13 20.68 -21.10 26.03
CA LYS G 13 20.25 -22.37 25.45
C LYS G 13 18.76 -22.63 25.72
N ALA G 14 18.27 -22.19 26.88
CA ALA G 14 16.90 -22.45 27.32
C ALA G 14 15.88 -21.51 26.67
N TYR G 15 16.37 -20.36 26.15
CA TYR G 15 15.57 -19.30 25.56
C TYR G 15 16.44 -18.66 24.47
N ASN G 16 16.41 -19.26 23.28
CA ASN G 16 17.48 -19.05 22.33
C ASN G 16 17.20 -17.79 21.51
N VAL G 17 18.10 -17.46 20.58
CA VAL G 17 18.02 -16.19 19.90
C VAL G 17 16.74 -16.10 19.08
N THR G 18 16.32 -17.22 18.50
CA THR G 18 15.10 -17.26 17.71
C THR G 18 13.87 -17.00 18.59
N GLN G 19 13.86 -17.64 19.75
CA GLN G 19 12.76 -17.54 20.70
C GLN G 19 12.66 -16.11 21.23
N ALA G 20 13.82 -15.53 21.56
CA ALA G 20 13.88 -14.20 22.16
C ALA G 20 13.69 -13.11 21.12
N PHE G 21 14.32 -13.25 19.94
CA PHE G 21 14.48 -12.13 19.03
C PHE G 21 13.97 -12.41 17.61
N GLY G 22 13.36 -13.57 17.37
CA GLY G 22 12.85 -13.89 16.06
C GLY G 22 13.90 -14.49 15.11
N ARG G 23 13.41 -15.05 13.99
CA ARG G 23 14.28 -15.64 13.00
C ARG G 23 15.22 -14.57 12.43
N ARG G 24 16.45 -15.01 12.13
CA ARG G 24 17.40 -14.20 11.37
C ARG G 24 16.93 -14.03 9.93
N GLY G 25 17.05 -12.83 9.35
CA GLY G 25 16.60 -12.61 8.00
C GLY G 25 17.03 -11.25 7.44
N PRO G 26 16.68 -10.98 6.15
CA PRO G 26 17.00 -9.72 5.49
C PRO G 26 16.16 -8.51 5.84
N GLU G 27 15.00 -8.73 6.48
CA GLU G 27 14.04 -7.65 6.62
C GLU G 27 14.58 -6.65 7.64
N GLN G 28 14.16 -5.39 7.48
CA GLN G 28 14.64 -4.29 8.28
C GLN G 28 14.28 -4.49 9.75
N THR G 29 13.18 -5.22 9.99
CA THR G 29 12.68 -5.49 11.32
C THR G 29 13.32 -6.72 11.95
N GLN G 30 14.04 -7.49 11.15
CA GLN G 30 14.65 -8.72 11.63
C GLN G 30 16.09 -8.45 12.02
N GLY G 31 16.59 -9.24 12.94
CA GLY G 31 18.02 -9.30 13.19
C GLY G 31 18.70 -10.17 12.15
N ASN G 32 19.92 -9.81 11.81
CA ASN G 32 20.68 -10.57 10.82
C ASN G 32 21.88 -11.28 11.41
N PHE G 33 22.12 -11.15 12.71
CA PHE G 33 23.35 -11.59 13.36
C PHE G 33 23.21 -12.94 14.07
N GLY G 34 24.07 -13.89 13.65
CA GLY G 34 24.29 -15.12 14.38
C GLY G 34 24.26 -16.33 13.42
N ASP G 35 25.26 -17.21 13.61
CA ASP G 35 25.20 -18.51 12.93
C ASP G 35 24.33 -19.46 13.75
N GLN G 36 24.27 -20.73 13.30
CA GLN G 36 23.34 -21.68 13.89
C GLN G 36 23.72 -21.94 15.35
N GLU G 37 25.01 -22.00 15.64
CA GLU G 37 25.47 -22.29 16.99
C GLU G 37 25.14 -21.12 17.94
N LEU G 38 25.49 -19.88 17.57
CA LEU G 38 25.12 -18.78 18.43
C LEU G 38 23.60 -18.65 18.57
N ILE G 39 22.84 -18.89 17.50
CA ILE G 39 21.39 -18.81 17.58
C ILE G 39 20.89 -19.76 18.67
N ARG G 40 21.43 -20.99 18.68
CA ARG G 40 20.95 -22.03 19.58
C ARG G 40 21.41 -21.77 21.02
N GLN G 41 22.48 -21.00 21.22
CA GLN G 41 23.11 -20.94 22.53
C GLN G 41 23.05 -19.56 23.16
N GLY G 42 22.86 -18.50 22.35
CA GLY G 42 22.84 -17.16 22.91
C GLY G 42 24.07 -16.86 23.75
N THR G 43 23.83 -16.34 24.97
CA THR G 43 24.91 -15.93 25.85
C THR G 43 25.68 -17.14 26.38
N ASP G 44 25.20 -18.36 26.08
CA ASP G 44 25.94 -19.57 26.43
C ASP G 44 26.94 -19.94 25.34
N TYR G 45 26.96 -19.19 24.23
CA TYR G 45 27.88 -19.44 23.13
C TYR G 45 29.32 -19.26 23.59
N LYS G 46 30.19 -20.14 23.08
CA LYS G 46 31.56 -20.27 23.57
C LYS G 46 32.31 -18.94 23.48
N HIS G 47 32.02 -18.14 22.44
CA HIS G 47 32.74 -16.89 22.25
C HIS G 47 31.85 -15.69 22.51
N TRP G 48 30.81 -15.84 23.32
CA TRP G 48 29.90 -14.75 23.57
C TRP G 48 30.67 -13.54 24.13
N PRO G 49 31.60 -13.70 25.09
CA PRO G 49 32.35 -12.55 25.63
C PRO G 49 33.03 -11.70 24.55
N GLN G 50 33.56 -12.37 23.53
CA GLN G 50 34.29 -11.68 22.47
C GLN G 50 33.35 -10.87 21.57
N ILE G 51 32.06 -11.22 21.57
CA ILE G 51 31.02 -10.48 20.87
C ILE G 51 30.49 -9.36 21.77
N ALA G 52 30.15 -9.68 23.04
CA ALA G 52 29.57 -8.73 23.99
C ALA G 52 30.46 -7.51 24.25
N GLN G 53 31.77 -7.64 23.99
CA GLN G 53 32.68 -6.52 24.22
C GLN G 53 32.36 -5.34 23.29
N PHE G 54 31.60 -5.60 22.21
CA PHE G 54 31.26 -4.53 21.27
C PHE G 54 29.85 -3.98 21.53
N ALA G 55 29.10 -4.62 22.41
CA ALA G 55 27.74 -4.17 22.77
C ALA G 55 27.81 -2.96 23.70
N PRO G 56 27.00 -1.90 23.46
CA PRO G 56 27.09 -0.69 24.27
C PRO G 56 26.41 -0.77 25.62
N SER G 57 27.00 -0.08 26.60
CA SER G 57 26.32 0.29 27.82
C SER G 57 25.09 1.11 27.49
N ALA G 58 24.19 1.23 28.46
CA ALA G 58 23.01 2.03 28.26
C ALA G 58 23.40 3.49 27.98
N SER G 59 24.36 3.99 28.76
CA SER G 59 24.86 5.35 28.57
C SER G 59 25.41 5.55 27.16
N ALA G 60 26.23 4.60 26.68
CA ALA G 60 26.80 4.71 25.34
C ALA G 60 25.73 4.54 24.28
N PHE G 61 24.82 3.62 24.49
CA PHE G 61 23.74 3.47 23.51
C PHE G 61 23.07 4.81 23.23
N PHE G 62 22.71 5.56 24.26
CA PHE G 62 22.05 6.84 24.09
C PHE G 62 23.01 7.99 23.86
N GLY G 63 24.31 7.74 24.11
CA GLY G 63 25.33 8.76 23.90
C GLY G 63 25.94 8.75 22.50
N MET G 64 26.14 7.55 21.93
CA MET G 64 26.85 7.35 20.67
CA MET G 64 26.85 7.37 20.66
C MET G 64 25.90 7.29 19.47
N SER G 65 24.62 6.99 19.71
CA SER G 65 23.72 6.64 18.62
C SER G 65 23.02 7.88 18.09
N ARG G 66 22.58 7.80 16.82
CA ARG G 66 21.50 8.68 16.36
C ARG G 66 20.14 8.08 16.72
N ILE G 67 19.42 8.76 17.61
CA ILE G 67 18.14 8.32 18.12
C ILE G 67 17.02 9.07 17.40
N GLY G 68 15.96 8.34 17.06
CA GLY G 68 14.80 8.94 16.45
C GLY G 68 13.52 8.32 17.01
N MET G 69 12.38 8.96 16.72
N MET G 69 12.42 9.01 16.74
CA MET G 69 11.12 8.39 17.16
CA MET G 69 11.11 8.50 17.07
C MET G 69 10.09 8.55 16.04
C MET G 69 10.26 8.53 15.80
N GLU G 70 9.64 7.40 15.50
CA GLU G 70 8.70 7.34 14.40
C GLU G 70 7.36 6.87 14.95
N VAL G 71 6.34 7.67 14.68
CA VAL G 71 4.98 7.36 15.11
C VAL G 71 4.21 7.01 13.85
N THR G 72 3.77 5.75 13.78
CA THR G 72 3.10 5.27 12.60
C THR G 72 1.76 4.68 13.04
N PRO G 73 0.87 4.27 12.13
CA PRO G 73 -0.38 3.69 12.61
C PRO G 73 -0.20 2.42 13.45
N SER G 74 0.93 1.73 13.33
CA SER G 74 1.21 0.51 14.06
C SER G 74 1.84 0.75 15.42
N GLY G 75 2.32 1.96 15.73
CA GLY G 75 2.88 2.19 17.05
C GLY G 75 3.90 3.31 17.04
N THR G 76 4.57 3.46 18.19
CA THR G 76 5.62 4.44 18.39
C THR G 76 6.94 3.69 18.52
N TRP G 77 7.90 4.07 17.67
CA TRP G 77 9.12 3.33 17.49
C TRP G 77 10.32 4.22 17.81
N LEU G 78 11.16 3.76 18.71
CA LEU G 78 12.43 4.41 19.02
C LEU G 78 13.45 3.79 18.07
N THR G 79 13.98 4.59 17.17
CA THR G 79 15.00 4.11 16.25
C THR G 79 16.41 4.46 16.72
N TYR G 80 17.38 3.68 16.25
CA TYR G 80 18.77 3.90 16.62
C TYR G 80 19.67 3.48 15.48
N THR G 81 20.77 4.22 15.31
N THR G 81 20.73 4.27 15.25
CA THR G 81 21.79 3.79 14.37
CA THR G 81 21.77 3.90 14.31
C THR G 81 23.11 4.37 14.84
C THR G 81 23.10 4.37 14.87
N GLY G 82 24.18 3.64 14.55
CA GLY G 82 25.50 4.10 14.93
C GLY G 82 26.58 3.18 14.39
N ALA G 83 27.82 3.49 14.76
CA ALA G 83 28.94 2.67 14.37
C ALA G 83 29.95 2.68 15.50
N ILE G 84 30.61 1.53 15.69
CA ILE G 84 31.59 1.29 16.73
C ILE G 84 32.91 0.92 16.06
N LYS G 85 33.98 1.66 16.40
CA LYS G 85 35.24 1.43 15.74
C LYS G 85 35.96 0.26 16.40
N LEU G 86 36.47 -0.66 15.57
CA LEU G 86 37.37 -1.67 16.07
C LEU G 86 38.79 -1.10 16.15
N ASP G 87 39.47 -1.46 17.22
CA ASP G 87 40.82 -1.01 17.50
C ASP G 87 41.80 -1.99 16.86
N ASP G 88 42.39 -1.62 15.71
CA ASP G 88 43.30 -2.53 15.02
C ASP G 88 44.64 -2.65 15.76
N LYS G 89 44.85 -1.85 16.82
CA LYS G 89 46.01 -2.03 17.70
C LYS G 89 45.78 -3.16 18.71
N ASP G 90 44.54 -3.63 18.86
CA ASP G 90 44.25 -4.75 19.74
C ASP G 90 44.82 -6.01 19.10
N PRO G 91 45.61 -6.82 19.84
CA PRO G 91 46.19 -8.04 19.31
C PRO G 91 45.17 -9.07 18.79
N ASN G 92 43.92 -8.97 19.26
CA ASN G 92 42.85 -9.88 18.86
C ASN G 92 42.02 -9.33 17.70
N PHE G 93 42.42 -8.18 17.14
CA PHE G 93 41.66 -7.52 16.10
C PHE G 93 41.32 -8.47 14.96
N LYS G 94 42.31 -9.22 14.44
CA LYS G 94 42.01 -10.06 13.29
C LYS G 94 40.92 -11.07 13.63
N ASP G 95 41.01 -11.63 14.84
CA ASP G 95 40.08 -12.64 15.29
C ASP G 95 38.70 -12.03 15.50
N GLN G 96 38.65 -10.79 15.96
CA GLN G 96 37.37 -10.09 16.18
C GLN G 96 36.65 -9.87 14.86
N VAL G 97 37.41 -9.45 13.84
CA VAL G 97 36.86 -9.22 12.53
C VAL G 97 36.31 -10.56 12.00
N ILE G 98 37.05 -11.66 12.18
CA ILE G 98 36.62 -12.94 11.64
C ILE G 98 35.34 -13.41 12.32
N LEU G 99 35.30 -13.25 13.63
CA LEU G 99 34.17 -13.71 14.43
C LEU G 99 32.90 -12.94 14.05
N LEU G 100 33.00 -11.61 13.97
CA LEU G 100 31.84 -10.79 13.64
C LEU G 100 31.35 -11.14 12.26
N ASN G 101 32.28 -11.29 11.30
CA ASN G 101 31.90 -11.61 9.94
C ASN G 101 31.29 -13.02 9.83
N LYS G 102 31.68 -13.93 10.72
CA LYS G 102 31.13 -15.28 10.72
C LYS G 102 29.63 -15.22 11.05
N HIS G 103 29.27 -14.27 11.91
CA HIS G 103 27.90 -14.21 12.40
C HIS G 103 27.03 -13.27 11.56
N ILE G 104 27.61 -12.21 10.94
CA ILE G 104 26.80 -11.31 10.13
C ILE G 104 26.27 -12.03 8.89
N ASP G 105 24.94 -12.05 8.76
CA ASP G 105 24.24 -12.60 7.60
C ASP G 105 24.58 -14.09 7.44
N ALA G 106 24.92 -14.75 8.54
CA ALA G 106 25.25 -16.18 8.48
C ALA G 106 24.04 -16.96 7.97
N TYR G 107 22.83 -16.47 8.24
CA TYR G 107 21.60 -17.17 7.89
C TYR G 107 21.45 -17.41 6.38
N LYS G 108 22.16 -16.63 5.55
N LYS G 108 22.16 -16.63 5.55
CA LYS G 108 22.05 -16.77 4.11
CA LYS G 108 22.04 -16.78 4.11
C LYS G 108 22.48 -18.16 3.66
C LYS G 108 22.50 -18.15 3.65
N THR G 109 23.31 -18.84 4.46
CA THR G 109 23.82 -20.14 4.06
C THR G 109 23.39 -21.27 5.00
N PHE G 110 22.34 -21.05 5.79
CA PHE G 110 21.79 -22.14 6.57
C PHE G 110 21.16 -23.19 5.67
N PRO G 111 21.33 -24.50 6.00
CA PRO G 111 20.62 -25.57 5.30
C PRO G 111 19.10 -25.32 5.29
N LYS H 4 38.90 2.88 28.43
CA LYS H 4 37.68 2.11 28.08
C LYS H 4 37.22 2.45 26.67
N PRO H 5 36.90 1.44 25.83
CA PRO H 5 36.29 1.73 24.52
C PRO H 5 35.03 2.59 24.67
N ARG H 6 34.74 3.38 23.64
CA ARG H 6 33.63 4.31 23.66
C ARG H 6 32.34 3.60 24.08
N GLN H 7 32.12 2.40 23.53
CA GLN H 7 30.84 1.74 23.70
C GLN H 7 30.65 1.22 25.12
N LYS H 8 31.72 1.17 25.95
CA LYS H 8 31.58 0.72 27.33
C LYS H 8 31.61 1.86 28.33
N ARG H 9 31.79 3.12 27.88
CA ARG H 9 31.83 4.22 28.83
C ARG H 9 30.47 4.48 29.47
N THR H 10 30.51 5.09 30.67
CA THR H 10 29.33 5.50 31.41
C THR H 10 29.48 6.97 31.77
N ALA H 11 28.63 7.82 31.20
CA ALA H 11 28.63 9.24 31.53
C ALA H 11 28.05 9.45 32.93
N THR H 12 28.66 10.38 33.67
CA THR H 12 28.23 10.81 34.98
C THR H 12 28.47 12.30 35.12
N LYS H 13 28.07 12.88 36.27
CA LYS H 13 28.22 14.32 36.50
C LYS H 13 29.68 14.74 36.31
N ALA H 14 30.59 13.85 36.72
CA ALA H 14 32.01 14.14 36.70
C ALA H 14 32.67 13.69 35.41
N TYR H 15 31.91 13.06 34.48
CA TYR H 15 32.43 12.58 33.20
C TYR H 15 31.25 12.55 32.23
N ASN H 16 30.93 13.71 31.70
CA ASN H 16 29.63 13.97 31.12
C ASN H 16 29.54 13.37 29.71
N VAL H 17 28.35 13.50 29.15
CA VAL H 17 28.03 12.92 27.85
C VAL H 17 28.97 13.47 26.77
N THR H 18 29.32 14.77 26.88
CA THR H 18 30.23 15.39 25.93
C THR H 18 31.63 14.80 26.04
N GLN H 19 32.13 14.65 27.28
CA GLN H 19 33.44 14.07 27.54
C GLN H 19 33.48 12.61 27.06
N ALA H 20 32.42 11.85 27.35
CA ALA H 20 32.40 10.43 27.05
C ALA H 20 32.14 10.16 25.57
N PHE H 21 31.23 10.94 24.97
CA PHE H 21 30.67 10.55 23.68
C PHE H 21 30.72 11.66 22.64
N GLY H 22 31.41 12.76 22.96
CA GLY H 22 31.53 13.83 21.98
C GLY H 22 30.32 14.78 21.99
N ARG H 23 30.54 15.96 21.41
CA ARG H 23 29.50 16.94 21.24
C ARG H 23 28.32 16.30 20.49
N ARG H 24 27.11 16.68 20.92
CA ARG H 24 25.90 16.35 20.17
C ARG H 24 25.97 16.99 18.79
N GLY H 25 25.48 16.27 17.77
CA GLY H 25 25.46 16.81 16.42
C GLY H 25 24.80 15.83 15.46
N PRO H 26 24.70 16.20 14.17
CA PRO H 26 23.98 15.38 13.16
C PRO H 26 24.77 14.39 12.29
N GLU H 27 26.10 14.41 12.39
CA GLU H 27 26.94 13.62 11.51
C GLU H 27 27.01 12.17 12.03
N GLN H 28 27.48 11.28 11.17
CA GLN H 28 27.56 9.85 11.46
C GLN H 28 28.55 9.61 12.60
N THR H 29 28.11 8.80 13.57
CA THR H 29 28.80 8.44 14.82
C THR H 29 28.76 9.58 15.85
N GLN H 30 28.17 10.72 15.45
CA GLN H 30 27.81 11.75 16.39
C GLN H 30 26.48 11.36 17.03
N GLY H 31 26.42 11.51 18.33
CA GLY H 31 25.17 11.38 19.07
C GLY H 31 24.29 12.61 18.95
N ASN H 32 22.96 12.43 18.86
CA ASN H 32 22.02 13.53 18.80
C ASN H 32 21.15 13.62 20.05
N PHE H 33 21.39 12.76 21.05
CA PHE H 33 20.46 12.65 22.17
C PHE H 33 21.02 13.33 23.42
N GLY H 34 20.15 14.19 23.97
CA GLY H 34 20.28 14.76 25.30
C GLY H 34 20.13 16.26 25.32
N ASP H 35 19.36 16.75 26.30
CA ASP H 35 19.26 18.18 26.55
C ASP H 35 20.42 18.56 27.47
N GLN H 36 20.49 19.84 27.85
CA GLN H 36 21.63 20.28 28.61
C GLN H 36 21.73 19.55 29.94
N GLU H 37 20.59 19.26 30.59
CA GLU H 37 20.64 18.64 31.89
C GLU H 37 21.20 17.22 31.77
N LEU H 38 20.70 16.44 30.80
CA LEU H 38 21.23 15.10 30.61
C LEU H 38 22.70 15.10 30.14
N ILE H 39 23.06 16.04 29.28
CA ILE H 39 24.43 16.12 28.82
C ILE H 39 25.36 16.29 30.02
N ARG H 40 24.92 17.11 30.98
CA ARG H 40 25.74 17.41 32.14
C ARG H 40 25.76 16.26 33.15
N GLN H 41 24.69 15.47 33.20
CA GLN H 41 24.53 14.57 34.35
C GLN H 41 24.72 13.13 33.94
N GLY H 42 24.44 12.79 32.66
CA GLY H 42 24.59 11.41 32.26
C GLY H 42 23.67 10.50 33.07
N THR H 43 24.22 9.37 33.51
CA THR H 43 23.50 8.40 34.33
C THR H 43 23.06 8.96 35.68
N ASP H 44 23.54 10.14 36.08
CA ASP H 44 23.07 10.80 37.30
C ASP H 44 21.82 11.62 37.02
N TYR H 45 21.42 11.70 35.75
CA TYR H 45 20.20 12.41 35.43
C TYR H 45 19.03 11.80 36.20
N LYS H 46 18.12 12.66 36.64
CA LYS H 46 16.99 12.27 37.47
C LYS H 46 16.10 11.22 36.81
N HIS H 47 15.93 11.29 35.47
CA HIS H 47 15.09 10.32 34.77
C HIS H 47 15.90 9.29 33.98
N TRP H 48 17.15 9.07 34.36
CA TRP H 48 18.00 8.14 33.63
C TRP H 48 17.38 6.75 33.62
N PRO H 49 16.79 6.22 34.70
CA PRO H 49 16.23 4.87 34.63
C PRO H 49 15.11 4.75 33.59
N GLN H 50 14.34 5.84 33.39
CA GLN H 50 13.21 5.85 32.47
C GLN H 50 13.73 5.89 31.03
N ILE H 51 14.96 6.36 30.81
CA ILE H 51 15.58 6.30 29.49
C ILE H 51 16.21 4.93 29.30
N ALA H 52 16.94 4.43 30.32
CA ALA H 52 17.75 3.23 30.20
C ALA H 52 16.87 1.99 29.99
N GLN H 53 15.58 2.11 30.31
CA GLN H 53 14.69 0.98 30.10
C GLN H 53 14.58 0.60 28.63
N PHE H 54 14.96 1.52 27.74
CA PHE H 54 14.88 1.31 26.31
C PHE H 54 16.24 0.85 25.78
N ALA H 55 17.33 0.93 26.57
CA ALA H 55 18.63 0.51 26.08
C ALA H 55 18.68 -1.02 26.04
N PRO H 56 19.26 -1.62 24.99
CA PRO H 56 19.30 -3.08 24.90
C PRO H 56 20.39 -3.77 25.73
N SER H 57 20.06 -4.95 26.29
CA SER H 57 21.07 -5.87 26.76
C SER H 57 22.05 -6.21 25.63
N ALA H 58 23.24 -6.73 25.97
CA ALA H 58 24.20 -7.14 24.96
C ALA H 58 23.53 -8.17 24.04
N SER H 59 22.82 -9.11 24.65
CA SER H 59 22.12 -10.15 23.89
C SER H 59 21.11 -9.56 22.91
N ALA H 60 20.29 -8.60 23.38
CA ALA H 60 19.29 -7.97 22.51
C ALA H 60 19.92 -7.05 21.48
N PHE H 61 21.02 -6.39 21.82
CA PHE H 61 21.72 -5.56 20.86
C PHE H 61 22.10 -6.39 19.63
N PHE H 62 22.77 -7.52 19.86
CA PHE H 62 23.16 -8.39 18.75
C PHE H 62 22.01 -9.27 18.22
N GLY H 63 20.96 -9.43 18.99
CA GLY H 63 19.81 -10.22 18.55
C GLY H 63 18.79 -9.47 17.70
N MET H 64 18.55 -8.19 18.01
CA MET H 64 17.52 -7.40 17.39
C MET H 64 18.05 -6.61 16.19
N SER H 65 19.27 -6.10 16.30
CA SER H 65 19.78 -5.11 15.37
C SER H 65 20.16 -5.67 13.99
N ARG H 66 20.21 -4.76 13.03
CA ARG H 66 20.92 -4.99 11.78
C ARG H 66 22.38 -4.65 12.04
N ILE H 67 23.26 -5.65 11.93
CA ILE H 67 24.68 -5.54 12.19
C ILE H 67 25.44 -5.62 10.87
N GLY H 68 26.40 -4.72 10.72
CA GLY H 68 27.21 -4.68 9.53
C GLY H 68 28.66 -4.36 9.87
N MET H 69 29.52 -4.56 8.87
N MET H 69 29.53 -4.45 8.86
CA MET H 69 30.89 -4.10 8.97
CA MET H 69 30.93 -4.12 9.07
C MET H 69 31.15 -3.16 7.80
C MET H 69 31.42 -3.31 7.86
N GLU H 70 31.80 -2.04 8.10
CA GLU H 70 32.15 -1.06 7.08
C GLU H 70 33.65 -0.83 7.23
N VAL H 71 34.37 -0.97 6.11
CA VAL H 71 35.81 -0.76 6.12
C VAL H 71 36.10 0.46 5.26
N THR H 72 36.75 1.45 5.88
CA THR H 72 36.96 2.76 5.27
C THR H 72 38.40 3.18 5.53
N PRO H 73 38.83 4.33 4.94
CA PRO H 73 40.16 4.85 5.20
C PRO H 73 40.50 5.06 6.67
N SER H 74 39.48 5.21 7.56
CA SER H 74 39.73 5.38 8.97
C SER H 74 39.81 4.06 9.74
N GLY H 75 39.42 2.95 9.11
CA GLY H 75 39.45 1.71 9.85
C GLY H 75 38.24 0.83 9.58
N THR H 76 38.02 -0.07 10.54
CA THR H 76 36.96 -1.05 10.46
C THR H 76 35.93 -0.68 11.51
N TRP H 77 34.66 -0.57 11.07
CA TRP H 77 33.57 -0.12 11.92
C TRP H 77 32.46 -1.16 11.96
N LEU H 78 32.00 -1.47 13.17
CA LEU H 78 30.81 -2.27 13.36
C LEU H 78 29.60 -1.34 13.34
N THR H 79 28.74 -1.51 12.34
CA THR H 79 27.53 -0.71 12.21
C THR H 79 26.33 -1.42 12.84
N TYR H 80 25.39 -0.62 13.33
CA TYR H 80 24.19 -1.15 13.95
C TYR H 80 23.02 -0.20 13.68
N THR H 81 21.86 -0.81 13.38
CA THR H 81 20.61 -0.08 13.24
CA THR H 81 20.60 -0.11 13.19
C THR H 81 19.49 -0.93 13.84
N GLY H 82 18.48 -0.27 14.39
CA GLY H 82 17.32 -1.00 14.85
C GLY H 82 16.20 -0.06 15.28
N ALA H 83 15.14 -0.68 15.78
CA ALA H 83 13.97 0.03 16.27
C ALA H 83 13.37 -0.76 17.42
N ILE H 84 12.91 0.00 18.42
CA ILE H 84 12.35 -0.57 19.62
C ILE H 84 10.95 -0.02 19.77
N LYS H 85 9.96 -0.91 19.81
CA LYS H 85 8.58 -0.51 19.91
C LYS H 85 8.28 -0.13 21.35
N LEU H 86 7.71 1.06 21.56
CA LEU H 86 7.21 1.41 22.88
C LEU H 86 5.89 0.68 23.11
N ASP H 87 5.61 0.34 24.37
CA ASP H 87 4.42 -0.42 24.75
C ASP H 87 3.26 0.51 25.05
N ASP H 88 2.28 0.53 24.14
N ASP H 88 2.29 0.59 24.14
CA ASP H 88 1.14 1.44 24.20
CA ASP H 88 1.15 1.49 24.27
C ASP H 88 0.26 1.08 25.41
C ASP H 88 0.34 1.12 25.51
N LYS H 89 0.48 -0.12 25.98
CA LYS H 89 -0.27 -0.57 27.15
C LYS H 89 0.39 -0.18 28.47
N ASP H 90 1.67 0.23 28.46
CA ASP H 90 2.37 0.67 29.64
C ASP H 90 1.66 1.92 30.13
N PRO H 91 1.24 2.03 31.41
CA PRO H 91 0.57 3.25 31.87
C PRO H 91 1.42 4.52 31.79
N ASN H 92 2.75 4.35 31.68
CA ASN H 92 3.64 5.50 31.57
C ASN H 92 4.04 5.80 30.12
N PHE H 93 3.37 5.17 29.16
CA PHE H 93 3.65 5.38 27.73
C PHE H 93 3.73 6.87 27.37
N LYS H 94 2.73 7.66 27.74
CA LYS H 94 2.70 9.04 27.32
C LYS H 94 3.92 9.79 27.89
N ASP H 95 4.27 9.51 29.15
CA ASP H 95 5.43 10.15 29.75
C ASP H 95 6.73 9.71 29.05
N GLN H 96 6.79 8.46 28.62
CA GLN H 96 8.03 7.94 28.02
C GLN H 96 8.25 8.68 26.70
N VAL H 97 7.18 8.90 25.94
CA VAL H 97 7.26 9.51 24.62
C VAL H 97 7.70 10.95 24.79
N ILE H 98 7.13 11.62 25.79
CA ILE H 98 7.53 12.99 26.07
C ILE H 98 9.01 13.07 26.46
N LEU H 99 9.45 12.17 27.34
CA LEU H 99 10.82 12.17 27.82
C LEU H 99 11.80 11.94 26.67
N LEU H 100 11.55 10.95 25.81
CA LEU H 100 12.48 10.70 24.72
C LEU H 100 12.53 11.89 23.76
N ASN H 101 11.36 12.46 23.45
CA ASN H 101 11.30 13.60 22.54
C ASN H 101 12.00 14.83 23.11
N LYS H 102 11.96 14.95 24.43
CA LYS H 102 12.64 16.07 25.07
C LYS H 102 14.14 16.06 24.77
N HIS H 103 14.74 14.86 24.61
CA HIS H 103 16.18 14.72 24.45
C HIS H 103 16.59 14.54 22.98
N ILE H 104 15.70 14.04 22.12
CA ILE H 104 16.10 13.83 20.73
C ILE H 104 16.32 15.18 20.06
N ASP H 105 17.51 15.40 19.50
CA ASP H 105 17.85 16.62 18.79
C ASP H 105 17.68 17.88 19.65
N ALA H 106 17.75 17.75 20.98
CA ALA H 106 17.62 18.92 21.83
C ALA H 106 18.73 19.94 21.57
N TYR H 107 19.89 19.47 21.11
CA TYR H 107 21.08 20.29 20.95
C TYR H 107 20.82 21.41 19.94
N LYS H 108 19.80 21.25 19.10
CA LYS H 108 19.52 22.24 18.06
C LYS H 108 19.06 23.55 18.70
N THR H 109 18.65 23.51 19.97
CA THR H 109 17.97 24.65 20.58
C THR H 109 18.86 25.38 21.57
N PHE H 110 20.16 25.02 21.69
CA PHE H 110 21.08 25.67 22.61
C PHE H 110 22.50 25.61 22.05
N PRO H 111 23.43 26.47 22.53
CA PRO H 111 24.81 26.40 22.06
C PRO H 111 25.49 25.03 22.28
C1 GOL I . -5.04 9.53 -7.30
O1 GOL I . -6.36 9.94 -7.68
C2 GOL I . -5.07 8.50 -6.19
O2 GOL I . -3.75 8.03 -5.94
C3 GOL I . -5.97 7.33 -6.48
O3 GOL I . -5.41 6.11 -5.99
S SO4 J . 5.90 -1.30 -16.38
O1 SO4 J . 6.88 -0.30 -16.01
O2 SO4 J . 6.35 -2.59 -15.93
O3 SO4 J . 4.66 -0.98 -15.73
O4 SO4 J . 5.72 -1.31 -17.79
C1 GOL K . -13.20 -19.98 -6.99
O1 GOL K . -12.70 -18.63 -7.01
C2 GOL K . -13.62 -20.44 -5.62
O2 GOL K . -13.83 -19.29 -4.80
C3 GOL K . -12.64 -21.37 -4.92
O3 GOL K . -12.82 -22.75 -5.24
C1 GOL L . -5.43 -0.13 -2.58
O1 GOL L . -6.75 0.40 -2.69
C2 GOL L . -5.43 -1.46 -1.87
O2 GOL L . -4.57 -2.39 -2.53
C3 GOL L . -5.02 -1.37 -0.41
O3 GOL L . -5.40 -2.53 0.32
C1 GOL M . -16.82 16.55 -8.28
O1 GOL M . -17.42 15.66 -9.21
C2 GOL M . -15.64 17.26 -8.89
O2 GOL M . -14.61 16.32 -9.18
C3 GOL M . -15.98 18.05 -10.14
O3 GOL M . -15.45 17.43 -11.31
S SO4 N . -50.05 -2.77 -10.88
O1 SO4 N . -50.04 -2.61 -9.46
O2 SO4 N . -50.97 -3.83 -11.24
O3 SO4 N . -50.48 -1.54 -11.51
O4 SO4 N . -48.72 -3.10 -11.34
S SO4 O . -35.20 -10.71 -26.39
O1 SO4 O . -35.75 -10.10 -25.21
O2 SO4 O . -33.77 -10.51 -26.42
O3 SO4 O . -35.82 -10.15 -27.56
O4 SO4 O . -35.48 -12.13 -26.35
S SO4 P . -38.16 -18.02 -17.25
O1 SO4 P . -38.81 -18.47 -16.04
O2 SO4 P . -37.94 -16.61 -17.15
O3 SO4 P . -36.90 -18.70 -17.39
O4 SO4 P . -38.99 -18.32 -18.38
S SO4 Q . -35.21 -15.24 -18.13
O1 SO4 Q . -34.07 -14.43 -17.85
O2 SO4 Q . -35.32 -16.28 -17.15
O3 SO4 Q . -36.40 -14.44 -18.09
O4 SO4 Q . -35.04 -15.82 -19.43
C1 GOL R . 6.93 -11.15 20.76
O1 GOL R . 7.72 -12.21 21.29
C2 GOL R . 7.71 -9.86 20.57
O2 GOL R . 9.10 -10.11 20.34
C3 GOL R . 7.55 -8.89 21.72
O3 GOL R . 8.37 -7.74 21.55
#